data_2WAM
#
_entry.id   2WAM
#
_cell.length_a   140.493
_cell.length_b   140.493
_cell.length_c   129.770
_cell.angle_alpha   90.00
_cell.angle_beta   90.00
_cell.angle_gamma   120.00
#
_symmetry.space_group_name_H-M   'P 32 2 1'
#
loop_
_entity.id
_entity.type
_entity.pdbx_description
1 polymer 'CONSERVED HYPOTHETICAL ALANINE AND LEUCINE RICH PROTEIN'
2 non-polymer GLYCEROL
3 water water
#
_entity_poly.entity_id   1
_entity_poly.type   'polypeptide(L)'
_entity_poly.pdbx_seq_one_letter_code
;MSYYHHHHHHLESTSLYKKAGSENLYFQGARDQGADEAREYEPGQPGMYELEFPAPQLSSSDGRGPVLVHALEGFSDAGH
AIRLAAAHLKAALDTELVASFAIDELLDYRSRRPLMTFKTDHFTHSDDPELSLYALRDSIGTPFLLLAGLEPDLKWERFI
TAVRLLAERLGVRQTIGLGTVPMAVPHTRPITMTAHSNNRELISDFQPSISEIQVPGSASNLLEYRMAQHGHEVVGFTVH
VPHYLTQTDYPAAAQALLEQVAKTGSLQLPLAVLAEAAAEVQAKIDEQVQASAEVAQVVAALERQYDAFIDAQENRSLLT
RDEDLPSGDELGAEFERFLAQQAEKKSDDDP
;
_entity_poly.pdbx_strand_id   A,B,C
#
loop_
_chem_comp.id
_chem_comp.type
_chem_comp.name
_chem_comp.formula
GOL non-polymer GLYCEROL 'C3 H8 O3'
#
# COMPACT_ATOMS: atom_id res chain seq x y z
N ALA A 38 3.67 -14.56 34.90
CA ALA A 38 4.25 -15.90 34.79
C ALA A 38 5.08 -16.06 33.51
N ARG A 39 4.48 -15.74 32.36
CA ARG A 39 5.17 -15.76 31.07
C ARG A 39 5.98 -14.48 30.85
N GLU A 40 7.25 -14.64 30.46
CA GLU A 40 8.18 -13.51 30.33
C GLU A 40 7.84 -12.47 29.24
N TYR A 41 8.01 -11.21 29.61
CA TYR A 41 7.70 -10.07 28.75
C TYR A 41 8.96 -9.24 28.56
N GLU A 42 9.47 -9.17 27.33
CA GLU A 42 10.67 -8.39 27.05
C GLU A 42 10.31 -6.91 26.93
N PRO A 43 11.09 -6.02 27.59
CA PRO A 43 10.68 -4.62 27.71
C PRO A 43 10.85 -3.84 26.41
N GLY A 44 10.08 -2.77 26.27
CA GLY A 44 10.12 -1.98 25.06
C GLY A 44 8.90 -1.12 24.93
N GLN A 45 8.50 -0.87 23.70
CA GLN A 45 7.25 -0.18 23.41
C GLN A 45 6.37 -1.13 22.63
N PRO A 46 5.23 -1.52 23.22
CA PRO A 46 4.35 -2.49 22.57
C PRO A 46 3.93 -2.02 21.17
N GLY A 47 4.09 -2.93 20.21
CA GLY A 47 3.76 -2.63 18.84
C GLY A 47 4.79 -1.76 18.13
N MET A 48 5.95 -1.53 18.75
CA MET A 48 6.97 -0.73 18.11
C MET A 48 8.39 -1.29 18.16
N TYR A 49 8.85 -1.70 19.35
CA TYR A 49 10.16 -2.30 19.48
C TYR A 49 10.35 -3.05 20.78
N GLU A 50 11.15 -4.11 20.73
CA GLU A 50 11.68 -4.78 21.89
C GLU A 50 13.11 -4.35 22.14
N LEU A 51 13.43 -4.05 23.39
CA LEU A 51 14.81 -3.83 23.79
C LEU A 51 15.54 -5.14 24.03
N GLU A 52 16.80 -5.19 23.61
CA GLU A 52 17.71 -6.24 24.06
C GLU A 52 18.43 -5.72 25.32
N PHE A 53 17.77 -5.84 26.47
CA PHE A 53 18.22 -5.19 27.70
C PHE A 53 19.17 -6.07 28.52
N PRO A 54 20.28 -5.48 29.02
CA PRO A 54 20.65 -4.07 28.88
C PRO A 54 21.49 -3.75 27.65
N ALA A 55 21.45 -2.49 27.24
CA ALA A 55 22.29 -2.00 26.17
C ALA A 55 23.73 -1.92 26.65
N PRO A 56 24.68 -2.06 25.72
CA PRO A 56 26.11 -1.93 26.02
C PRO A 56 26.43 -0.51 26.49
N GLN A 57 27.66 -0.29 26.94
CA GLN A 57 28.15 1.06 27.19
C GLN A 57 28.25 1.77 25.85
N LEU A 58 27.71 2.98 25.75
CA LEU A 58 27.74 3.70 24.48
C LEU A 58 28.55 4.99 24.51
N SER A 59 29.19 5.24 25.65
CA SER A 59 29.95 6.47 25.82
C SER A 59 31.40 6.25 25.42
N SER A 60 32.02 7.28 24.84
CA SER A 60 33.41 7.19 24.41
C SER A 60 34.31 7.30 25.62
N SER A 61 35.58 6.95 25.41
CA SER A 61 36.60 7.09 26.44
C SER A 61 36.58 8.47 27.09
N ASP A 62 36.00 9.45 26.41
CA ASP A 62 35.94 10.83 26.89
C ASP A 62 34.57 11.30 27.42
N GLY A 63 33.65 10.37 27.64
CA GLY A 63 32.33 10.70 28.19
C GLY A 63 31.35 11.26 27.17
N ARG A 64 31.83 11.38 25.94
CA ARG A 64 31.06 11.87 24.81
C ARG A 64 30.02 10.83 24.35
N GLY A 65 28.89 11.28 23.81
CA GLY A 65 27.86 10.36 23.38
C GLY A 65 28.09 9.75 22.01
N PRO A 66 27.34 8.69 21.69
CA PRO A 66 27.41 7.96 20.41
C PRO A 66 26.86 8.74 19.21
N VAL A 67 27.43 8.48 18.05
CA VAL A 67 26.85 8.87 16.78
C VAL A 67 25.76 7.86 16.38
N LEU A 68 24.67 8.35 15.81
CA LEU A 68 23.62 7.48 15.29
C LEU A 68 23.61 7.57 13.77
N VAL A 69 23.78 6.42 13.11
CA VAL A 69 23.71 6.33 11.66
C VAL A 69 22.39 5.64 11.31
N HIS A 70 21.62 6.22 10.39
CA HIS A 70 20.40 5.55 9.89
C HIS A 70 20.49 5.23 8.40
N ALA A 71 20.17 3.97 8.09
CA ALA A 71 20.24 3.46 6.73
C ALA A 71 19.03 2.61 6.40
N LEU A 72 18.06 3.20 5.69
CA LEU A 72 16.79 2.54 5.41
C LEU A 72 16.54 2.33 3.92
N GLU A 73 16.05 1.14 3.57
CA GLU A 73 15.82 0.77 2.19
C GLU A 73 14.35 0.84 1.83
N GLY A 74 14.05 1.26 0.61
CA GLY A 74 12.67 1.35 0.16
C GLY A 74 12.31 2.71 -0.39
N PHE A 75 13.13 3.72 -0.11
CA PHE A 75 12.91 5.06 -0.63
C PHE A 75 13.59 5.23 -1.98
N SER A 76 14.91 5.40 -1.96
CA SER A 76 15.71 5.47 -3.16
C SER A 76 16.97 4.65 -2.92
N ASP A 77 17.14 3.60 -3.71
CA ASP A 77 18.20 2.62 -3.48
C ASP A 77 19.10 2.38 -4.70
N ALA A 78 19.49 3.46 -5.36
CA ALA A 78 20.40 3.38 -6.47
C ALA A 78 21.73 2.76 -6.03
N GLY A 79 22.20 1.79 -6.81
CA GLY A 79 23.43 1.09 -6.52
C GLY A 79 23.27 0.14 -5.34
N HIS A 80 22.03 0.01 -4.86
CA HIS A 80 21.77 -0.71 -3.63
C HIS A 80 22.71 -0.22 -2.53
N ALA A 81 23.14 1.04 -2.64
CA ALA A 81 24.20 1.56 -1.77
C ALA A 81 23.87 1.56 -0.27
N ILE A 82 22.61 1.78 0.08
CA ILE A 82 22.19 1.77 1.47
C ILE A 82 22.28 0.36 2.07
N ARG A 83 21.72 -0.62 1.36
CA ARG A 83 21.76 -1.98 1.85
C ARG A 83 23.23 -2.39 2.05
N LEU A 84 24.05 -2.14 1.04
CA LEU A 84 25.44 -2.55 1.06
C LEU A 84 26.23 -1.95 2.21
N ALA A 85 26.01 -0.66 2.47
CA ALA A 85 26.75 0.03 3.52
C ALA A 85 26.37 -0.49 4.89
N ALA A 86 25.08 -0.71 5.11
CA ALA A 86 24.62 -1.24 6.38
C ALA A 86 25.14 -2.66 6.60
N ALA A 87 25.15 -3.44 5.52
CA ALA A 87 25.56 -4.84 5.61
C ALA A 87 27.04 -4.92 5.94
N HIS A 88 27.80 -3.97 5.40
CA HIS A 88 29.23 -4.00 5.60
C HIS A 88 29.61 -3.67 7.02
N LEU A 89 29.05 -2.58 7.55
CA LEU A 89 29.25 -2.25 8.95
C LEU A 89 28.94 -3.45 9.86
N LYS A 90 27.75 -4.03 9.71
CA LYS A 90 27.38 -5.15 10.57
C LYS A 90 28.30 -6.37 10.43
N ALA A 91 28.89 -6.56 9.25
CA ALA A 91 29.74 -7.71 8.96
C ALA A 91 31.20 -7.50 9.41
N ALA A 92 31.65 -6.26 9.38
CA ALA A 92 33.05 -5.94 9.59
C ALA A 92 33.37 -5.51 11.04
N LEU A 93 32.35 -5.08 11.78
CA LEU A 93 32.54 -4.60 13.16
C LEU A 93 31.72 -5.39 14.17
N ASP A 94 32.17 -5.38 15.43
CA ASP A 94 31.42 -6.02 16.52
C ASP A 94 30.03 -5.40 16.63
N THR A 95 29.00 -6.24 16.54
CA THR A 95 27.62 -5.74 16.48
C THR A 95 26.73 -6.35 17.56
N GLU A 96 26.04 -5.49 18.30
CA GLU A 96 25.04 -5.95 19.28
C GLU A 96 23.68 -5.36 18.96
N LEU A 97 22.64 -6.18 19.08
CA LEU A 97 21.29 -5.67 18.94
C LEU A 97 20.87 -4.83 20.15
N VAL A 98 20.29 -3.67 19.88
CA VAL A 98 19.80 -2.82 20.95
C VAL A 98 18.28 -2.86 20.96
N ALA A 99 17.66 -2.77 19.79
CA ALA A 99 16.21 -2.82 19.68
C ALA A 99 15.73 -3.42 18.34
N SER A 100 14.80 -4.36 18.41
CA SER A 100 14.15 -4.88 17.21
C SER A 100 12.85 -4.14 17.04
N PHE A 101 12.68 -3.48 15.90
CA PHE A 101 11.40 -2.85 15.63
C PHE A 101 10.40 -3.86 15.10
N ALA A 102 9.12 -3.56 15.32
CA ALA A 102 8.04 -4.42 14.91
C ALA A 102 7.78 -4.28 13.40
N ILE A 103 8.72 -4.77 12.61
CA ILE A 103 8.60 -4.66 11.15
C ILE A 103 7.28 -5.31 10.69
N ASP A 104 6.89 -6.43 11.32
CA ASP A 104 5.62 -7.06 11.00
C ASP A 104 4.39 -6.14 11.15
N GLU A 105 4.49 -5.16 12.04
CA GLU A 105 3.43 -4.17 12.25
C GLU A 105 3.53 -2.98 11.30
N LEU A 106 4.65 -2.85 10.58
CA LEU A 106 4.95 -1.62 9.85
C LEU A 106 5.07 -1.83 8.35
N LEU A 107 4.92 -3.07 7.90
CA LEU A 107 5.19 -3.40 6.52
C LEU A 107 3.94 -3.79 5.72
N ASP A 108 3.85 -3.31 4.50
CA ASP A 108 2.84 -3.78 3.57
C ASP A 108 3.41 -4.98 2.80
N TYR A 109 3.02 -6.18 3.21
CA TYR A 109 3.63 -7.39 2.65
C TYR A 109 3.31 -7.63 1.18
N ARG A 110 2.13 -7.21 0.75
CA ARG A 110 1.75 -7.41 -0.63
C ARG A 110 2.40 -6.40 -1.60
N SER A 111 2.94 -5.29 -1.10
CA SER A 111 3.73 -4.38 -1.95
C SER A 111 5.16 -4.87 -2.00
N ARG A 112 5.64 -5.39 -0.88
CA ARG A 112 6.99 -5.93 -0.83
C ARG A 112 7.01 -7.39 -0.35
N ARG A 113 6.62 -8.31 -1.22
CA ARG A 113 6.58 -9.71 -0.86
C ARG A 113 7.99 -10.21 -0.57
N PRO A 114 8.15 -10.90 0.56
CA PRO A 114 9.44 -11.52 0.87
C PRO A 114 9.81 -12.54 -0.18
N LEU A 115 11.05 -12.47 -0.66
CA LEU A 115 11.59 -13.45 -1.59
C LEU A 115 11.76 -14.81 -0.94
N MET A 116 11.21 -15.83 -1.56
CA MET A 116 11.36 -17.19 -1.06
C MET A 116 12.12 -18.07 -2.07
N THR A 117 12.98 -18.96 -1.58
CA THR A 117 13.69 -19.86 -2.46
C THR A 117 12.91 -21.15 -2.64
N PHE A 118 12.77 -21.58 -3.88
CA PHE A 118 12.06 -22.83 -4.16
C PHE A 118 13.00 -23.79 -4.85
N LYS A 119 13.17 -24.97 -4.27
CA LYS A 119 14.14 -25.94 -4.78
C LYS A 119 13.43 -27.22 -5.21
N THR A 120 13.25 -27.38 -6.52
CA THR A 120 12.57 -28.54 -7.11
C THR A 120 11.09 -28.70 -6.72
N ASP A 121 10.84 -29.01 -5.46
CA ASP A 121 9.49 -29.33 -5.01
C ASP A 121 9.18 -28.84 -3.60
N HIS A 122 9.94 -27.88 -3.08
CA HIS A 122 9.65 -27.36 -1.75
C HIS A 122 10.38 -26.07 -1.48
N PHE A 123 9.87 -25.29 -0.54
CA PHE A 123 10.49 -24.02 -0.18
C PHE A 123 11.61 -24.23 0.80
N THR A 124 12.70 -23.49 0.63
CA THR A 124 13.91 -23.71 1.43
C THR A 124 14.41 -22.50 2.19
N HIS A 125 13.81 -21.34 1.96
CA HIS A 125 14.30 -20.12 2.59
C HIS A 125 13.34 -18.97 2.36
N SER A 126 13.21 -18.12 3.38
CA SER A 126 12.52 -16.84 3.22
C SER A 126 13.42 -15.68 3.61
N ASP A 127 13.53 -14.70 2.73
CA ASP A 127 14.24 -13.49 3.02
C ASP A 127 13.36 -12.64 3.98
N ASP A 128 13.62 -12.74 5.28
CA ASP A 128 12.85 -12.01 6.30
C ASP A 128 13.27 -10.56 6.43
N PRO A 129 12.28 -9.67 6.50
CA PRO A 129 12.56 -8.24 6.64
C PRO A 129 13.00 -7.86 8.05
N GLU A 130 13.99 -6.99 8.16
CA GLU A 130 14.46 -6.52 9.45
C GLU A 130 14.28 -5.02 9.52
N LEU A 131 14.15 -4.52 10.75
CA LEU A 131 14.26 -3.11 11.06
C LEU A 131 14.77 -3.08 12.49
N SER A 132 16.05 -2.74 12.64
CA SER A 132 16.75 -2.86 13.91
C SER A 132 17.66 -1.68 14.30
N LEU A 133 17.81 -1.48 15.60
CA LEU A 133 18.80 -0.54 16.11
C LEU A 133 19.96 -1.32 16.70
N TYR A 134 21.14 -1.19 16.09
CA TYR A 134 22.36 -1.87 16.56
C TYR A 134 23.36 -0.97 17.28
N ALA A 135 24.11 -1.56 18.22
CA ALA A 135 25.30 -0.94 18.79
C ALA A 135 26.54 -1.60 18.19
N LEU A 136 27.45 -0.79 17.65
CA LEU A 136 28.68 -1.29 17.07
C LEU A 136 29.89 -0.62 17.73
N ARG A 137 31.08 -1.11 17.44
CA ARG A 137 32.31 -0.45 17.84
C ARG A 137 33.24 -0.37 16.65
N ASP A 138 33.85 0.80 16.45
CA ASP A 138 34.79 0.98 15.35
C ASP A 138 36.16 0.37 15.67
N SER A 139 37.12 0.56 14.78
CA SER A 139 38.36 -0.19 14.87
C SER A 139 39.21 0.11 16.10
N ILE A 140 38.87 1.17 16.84
CA ILE A 140 39.54 1.49 18.10
C ILE A 140 38.60 1.40 19.30
N GLY A 141 37.41 0.86 19.07
CA GLY A 141 36.47 0.62 20.17
C GLY A 141 35.50 1.74 20.51
N THR A 142 35.46 2.80 19.72
CA THR A 142 34.44 3.83 19.92
C THR A 142 33.07 3.28 19.58
N PRO A 143 32.13 3.32 20.54
CA PRO A 143 30.76 2.82 20.31
C PRO A 143 29.96 3.75 19.41
N PHE A 144 29.10 3.19 18.58
CA PHE A 144 28.14 4.00 17.85
C PHE A 144 26.90 3.19 17.54
N LEU A 145 25.83 3.89 17.15
CA LEU A 145 24.56 3.22 16.84
C LEU A 145 24.28 3.18 15.34
N LEU A 146 23.62 2.11 14.92
CA LEU A 146 23.22 1.94 13.53
C LEU A 146 21.76 1.55 13.51
N LEU A 147 20.93 2.37 12.87
CA LEU A 147 19.53 2.03 12.59
C LEU A 147 19.41 1.57 11.14
N ALA A 148 19.00 0.32 10.92
CA ALA A 148 18.99 -0.25 9.55
C ALA A 148 17.87 -1.24 9.32
N GLY A 149 17.61 -1.50 8.04
CA GLY A 149 16.51 -2.35 7.62
C GLY A 149 15.60 -1.67 6.61
N LEU A 150 14.36 -2.16 6.50
CA LEU A 150 13.39 -1.60 5.56
C LEU A 150 12.78 -0.30 6.07
N GLU A 151 12.67 0.70 5.20
CA GLU A 151 11.78 1.82 5.46
C GLU A 151 10.35 1.29 5.66
N PRO A 152 9.73 1.63 6.79
CA PRO A 152 8.34 1.22 7.02
C PRO A 152 7.36 1.84 6.02
N ASP A 153 6.20 1.21 5.81
CA ASP A 153 5.12 1.82 5.05
C ASP A 153 4.21 2.60 5.99
N LEU A 154 4.04 2.06 7.19
CA LEU A 154 3.08 2.57 8.14
C LEU A 154 3.72 3.35 9.27
N LYS A 155 2.92 4.18 9.92
CA LYS A 155 3.23 4.78 11.23
C LYS A 155 4.55 5.53 11.37
N TRP A 156 4.88 6.39 10.42
CA TRP A 156 6.15 7.10 10.46
C TRP A 156 6.33 7.96 11.71
N GLU A 157 5.24 8.59 12.17
CA GLU A 157 5.39 9.49 13.29
C GLU A 157 5.70 8.69 14.55
N ARG A 158 4.89 7.67 14.80
CA ARG A 158 5.11 6.85 15.96
C ARG A 158 6.52 6.23 15.94
N PHE A 159 6.92 5.74 14.78
CA PHE A 159 8.23 5.17 14.55
C PHE A 159 9.36 6.16 14.84
N ILE A 160 9.29 7.33 14.19
CA ILE A 160 10.28 8.38 14.39
C ILE A 160 10.41 8.82 15.86
N THR A 161 9.27 9.01 16.53
CA THR A 161 9.30 9.35 17.94
C THR A 161 10.06 8.31 18.76
N ALA A 162 9.74 7.04 18.54
CA ALA A 162 10.45 5.96 19.21
C ALA A 162 11.97 6.02 18.99
N VAL A 163 12.41 6.28 17.76
CA VAL A 163 13.85 6.41 17.47
C VAL A 163 14.43 7.64 18.18
N ARG A 164 13.74 8.77 18.06
CA ARG A 164 14.18 9.98 18.74
C ARG A 164 14.28 9.79 20.27
N LEU A 165 13.31 9.05 20.84
CA LEU A 165 13.32 8.79 22.27
C LEU A 165 14.43 7.81 22.68
N LEU A 166 14.75 6.85 21.82
CA LEU A 166 15.86 5.94 22.08
C LEU A 166 17.19 6.69 22.00
N ALA A 167 17.35 7.50 20.95
CA ALA A 167 18.54 8.30 20.76
C ALA A 167 18.82 9.24 21.94
N GLU A 168 17.76 9.83 22.49
CA GLU A 168 17.94 10.68 23.68
C GLU A 168 18.35 9.86 24.91
N ARG A 169 17.57 8.82 25.23
CA ARG A 169 17.92 7.93 26.33
C ARG A 169 19.37 7.43 26.24
N LEU A 170 19.84 7.22 25.01
CA LEU A 170 21.13 6.60 24.80
C LEU A 170 22.27 7.60 24.62
N GLY A 171 21.97 8.89 24.65
CA GLY A 171 23.01 9.90 24.66
C GLY A 171 23.52 10.39 23.32
N VAL A 172 22.80 10.07 22.26
CA VAL A 172 23.21 10.42 20.90
C VAL A 172 23.56 11.90 20.74
N ARG A 173 24.69 12.17 20.10
CA ARG A 173 25.19 13.53 19.97
C ARG A 173 25.13 14.05 18.53
N GLN A 174 24.81 13.15 17.59
CA GLN A 174 24.82 13.46 16.17
C GLN A 174 24.13 12.33 15.41
N THR A 175 23.25 12.70 14.48
CA THR A 175 22.51 11.72 13.70
C THR A 175 22.84 11.88 12.22
N ILE A 176 23.40 10.84 11.63
CA ILE A 176 23.86 10.86 10.24
C ILE A 176 23.00 9.95 9.37
N GLY A 177 22.35 10.52 8.35
CA GLY A 177 21.53 9.75 7.44
C GLY A 177 22.19 9.39 6.12
N LEU A 178 21.84 8.21 5.61
CA LEU A 178 22.36 7.78 4.32
C LEU A 178 21.29 7.83 3.23
N GLY A 179 21.71 8.26 2.04
CA GLY A 179 20.83 8.30 0.88
C GLY A 179 21.53 8.04 -0.45
N THR A 180 20.73 7.70 -1.45
CA THR A 180 21.20 7.61 -2.83
C THR A 180 20.20 8.35 -3.71
N VAL A 181 20.66 8.73 -4.89
CA VAL A 181 19.79 9.24 -5.94
C VAL A 181 20.51 8.94 -7.26
N PRO A 182 19.75 8.50 -8.27
CA PRO A 182 20.38 8.30 -9.59
C PRO A 182 20.59 9.65 -10.25
N MET A 183 21.72 9.84 -10.92
CA MET A 183 22.00 11.10 -11.60
C MET A 183 22.70 10.81 -12.92
N ALA A 184 22.60 11.76 -13.84
CA ALA A 184 23.32 11.67 -15.10
C ALA A 184 24.82 11.92 -14.86
N VAL A 185 25.54 10.89 -14.42
CA VAL A 185 26.98 10.96 -14.18
C VAL A 185 27.62 9.64 -14.57
N PRO A 186 28.90 9.67 -14.99
CA PRO A 186 29.57 8.44 -15.42
C PRO A 186 30.17 7.70 -14.24
N HIS A 187 30.25 6.37 -14.33
CA HIS A 187 30.92 5.61 -13.29
C HIS A 187 32.44 5.84 -13.35
N THR A 188 32.87 6.62 -14.34
CA THR A 188 34.30 6.83 -14.60
C THR A 188 34.81 8.16 -14.05
N ARG A 189 33.99 8.83 -13.27
CA ARG A 189 34.39 10.07 -12.64
C ARG A 189 34.13 10.02 -11.15
N PRO A 190 34.85 10.85 -10.38
CA PRO A 190 34.73 10.85 -8.92
C PRO A 190 33.27 10.88 -8.46
N ILE A 191 32.97 10.08 -7.44
CA ILE A 191 31.62 10.01 -6.93
C ILE A 191 31.27 11.29 -6.17
N THR A 192 30.17 11.91 -6.56
CA THR A 192 29.74 13.15 -5.92
C THR A 192 28.60 12.87 -4.99
N MET A 193 28.20 13.89 -4.24
CA MET A 193 27.33 13.66 -3.09
C MET A 193 26.67 14.97 -2.68
N THR A 194 25.39 14.93 -2.33
CA THR A 194 24.76 16.13 -1.80
C THR A 194 24.52 16.06 -0.28
N ALA A 195 25.21 16.94 0.44
CA ALA A 195 25.19 16.97 1.88
C ALA A 195 24.08 17.87 2.40
N HIS A 196 23.49 17.49 3.53
CA HIS A 196 22.56 18.35 4.25
C HIS A 196 22.81 18.28 5.76
N SER A 197 22.53 19.39 6.44
CA SER A 197 22.75 19.43 7.88
C SER A 197 22.07 20.63 8.46
N ASN A 198 21.81 20.61 9.77
CA ASN A 198 21.32 21.80 10.43
C ASN A 198 22.47 22.53 11.10
N ASN A 199 23.69 22.13 10.73
CA ASN A 199 24.89 22.84 11.13
C ASN A 199 25.88 22.96 9.98
N ARG A 200 25.99 24.16 9.41
CA ARG A 200 26.78 24.35 8.20
C ARG A 200 28.25 23.96 8.33
N GLU A 201 28.79 24.06 9.53
CA GLU A 201 30.20 23.71 9.74
C GLU A 201 30.46 22.25 9.39
N LEU A 202 29.43 21.42 9.58
CA LEU A 202 29.53 19.99 9.35
C LEU A 202 29.60 19.63 7.87
N ILE A 203 29.30 20.60 7.01
CA ILE A 203 29.26 20.35 5.59
C ILE A 203 29.92 21.49 4.82
N SER A 204 31.01 22.01 5.36
CA SER A 204 31.72 23.13 4.77
C SER A 204 32.54 22.68 3.56
N ASP A 205 32.76 21.37 3.48
CA ASP A 205 33.51 20.77 2.38
C ASP A 205 32.69 20.73 1.10
N PHE A 206 31.40 20.98 1.22
CA PHE A 206 30.52 20.81 0.07
C PHE A 206 30.03 22.15 -0.48
N GLN A 207 29.62 22.12 -1.75
CA GLN A 207 29.10 23.29 -2.42
C GLN A 207 27.65 23.07 -2.80
N PRO A 208 26.73 23.64 -2.01
CA PRO A 208 25.30 23.53 -2.26
C PRO A 208 25.00 23.76 -3.72
N SER A 209 24.48 22.73 -4.37
CA SER A 209 24.07 22.78 -5.77
C SER A 209 22.53 22.87 -5.85
N ILE A 210 21.91 23.37 -4.78
CA ILE A 210 20.44 23.36 -4.67
C ILE A 210 19.89 24.69 -4.14
N SER A 211 18.68 25.03 -4.59
CA SER A 211 17.89 26.10 -3.97
C SER A 211 16.61 25.47 -3.48
N GLU A 212 15.57 26.27 -3.26
CA GLU A 212 14.33 25.71 -2.71
C GLU A 212 13.67 24.65 -3.62
N ILE A 213 13.39 23.49 -3.04
CA ILE A 213 12.68 22.41 -3.74
C ILE A 213 11.72 21.65 -2.83
N GLN A 214 10.73 21.01 -3.45
CA GLN A 214 9.78 20.14 -2.76
C GLN A 214 10.08 18.73 -3.23
N VAL A 215 10.45 17.84 -2.31
CA VAL A 215 10.68 16.46 -2.67
C VAL A 215 9.79 15.54 -1.85
N PRO A 216 9.39 14.40 -2.42
CA PRO A 216 8.69 13.40 -1.61
C PRO A 216 9.48 13.08 -0.36
N GLY A 217 8.82 13.04 0.79
CA GLY A 217 9.49 12.74 2.04
C GLY A 217 9.80 11.26 2.18
N SER A 218 10.80 10.97 3.00
CA SER A 218 11.13 9.58 3.35
C SER A 218 11.27 9.45 4.88
N ALA A 219 11.15 8.24 5.39
CA ALA A 219 11.28 8.05 6.83
C ALA A 219 12.61 8.58 7.35
N SER A 220 13.69 8.33 6.62
CA SER A 220 15.02 8.84 6.99
C SER A 220 15.05 10.36 6.98
N ASN A 221 14.53 10.97 5.91
CA ASN A 221 14.51 12.42 5.84
C ASN A 221 13.64 13.04 6.92
N LEU A 222 12.45 12.46 7.10
CA LEU A 222 11.54 12.99 8.11
C LEU A 222 12.14 12.80 9.50
N LEU A 223 12.90 11.72 9.70
CA LEU A 223 13.56 11.49 10.98
C LEU A 223 14.56 12.60 11.24
N GLU A 224 15.37 12.87 10.23
CA GLU A 224 16.34 13.95 10.28
C GLU A 224 15.66 15.31 10.59
N TYR A 225 14.62 15.62 9.84
CA TYR A 225 13.84 16.84 10.11
C TYR A 225 13.24 16.90 11.52
N ARG A 226 12.58 15.82 11.94
CA ARG A 226 11.96 15.80 13.26
C ARG A 226 13.03 15.97 14.34
N MET A 227 14.11 15.20 14.21
CA MET A 227 15.27 15.32 15.08
C MET A 227 15.75 16.76 15.24
N ALA A 228 15.93 17.46 14.11
CA ALA A 228 16.34 18.87 14.13
C ALA A 228 15.32 19.75 14.84
N GLN A 229 14.03 19.52 14.59
CA GLN A 229 12.99 20.28 15.24
C GLN A 229 13.15 20.21 16.77
N HIS A 230 13.82 19.18 17.25
CA HIS A 230 14.00 19.03 18.68
C HIS A 230 15.43 19.32 19.10
N GLY A 231 16.10 20.18 18.33
CA GLY A 231 17.42 20.66 18.71
C GLY A 231 18.56 19.66 18.63
N HIS A 232 18.33 18.54 17.96
CA HIS A 232 19.39 17.55 17.77
C HIS A 232 20.26 17.93 16.57
N GLU A 233 21.54 17.56 16.64
CA GLU A 233 22.44 17.80 15.52
C GLU A 233 22.29 16.69 14.47
N VAL A 234 21.98 17.07 13.24
CA VAL A 234 21.75 16.08 12.20
C VAL A 234 22.59 16.39 10.97
N VAL A 235 22.91 15.34 10.22
CA VAL A 235 23.59 15.49 8.95
C VAL A 235 23.22 14.29 8.06
N GLY A 236 23.28 14.50 6.76
CA GLY A 236 22.78 13.52 5.82
C GLY A 236 23.55 13.60 4.53
N PHE A 237 23.80 12.44 3.95
CA PHE A 237 24.55 12.37 2.70
C PHE A 237 23.80 11.57 1.67
N THR A 238 23.58 12.18 0.52
CA THR A 238 22.90 11.52 -0.56
C THR A 238 23.89 11.36 -1.70
N VAL A 239 24.31 10.12 -1.92
CA VAL A 239 25.35 9.82 -2.89
C VAL A 239 24.76 9.71 -4.31
N HIS A 240 25.53 10.11 -5.32
CA HIS A 240 25.06 10.08 -6.69
C HIS A 240 25.50 8.83 -7.44
N VAL A 241 24.53 8.07 -7.94
CA VAL A 241 24.80 6.85 -8.69
C VAL A 241 24.45 7.02 -10.16
N PRO A 242 25.36 6.63 -11.05
CA PRO A 242 25.07 6.68 -12.49
C PRO A 242 23.72 6.01 -12.76
N HIS A 243 22.81 6.68 -13.48
CA HIS A 243 21.45 6.14 -13.64
C HIS A 243 21.45 4.76 -14.32
N TYR A 244 22.48 4.46 -15.10
CA TYR A 244 22.55 3.13 -15.71
C TYR A 244 22.95 2.02 -14.72
N LEU A 245 23.26 2.40 -13.49
CA LEU A 245 23.67 1.44 -12.46
C LEU A 245 22.66 1.33 -11.32
N THR A 246 21.52 1.98 -11.48
CA THR A 246 20.53 2.11 -10.41
C THR A 246 20.08 0.78 -9.81
N GLN A 247 19.86 -0.22 -10.67
CA GLN A 247 19.30 -1.48 -10.21
C GLN A 247 20.33 -2.59 -10.10
N THR A 248 21.57 -2.23 -9.82
CA THR A 248 22.65 -3.19 -9.61
C THR A 248 23.41 -2.87 -8.33
N ASP A 249 24.20 -3.81 -7.85
CA ASP A 249 25.10 -3.55 -6.74
C ASP A 249 26.23 -2.66 -7.20
N TYR A 250 26.41 -1.53 -6.53
CA TYR A 250 27.53 -0.65 -6.81
C TYR A 250 28.24 -0.26 -5.53
N PRO A 251 29.08 -1.16 -5.00
CA PRO A 251 29.77 -1.01 -3.70
C PRO A 251 30.55 0.31 -3.57
N ALA A 252 31.03 0.85 -4.68
CA ALA A 252 31.73 2.12 -4.67
C ALA A 252 30.90 3.20 -3.98
N ALA A 253 29.61 3.22 -4.28
CA ALA A 253 28.73 4.23 -3.73
C ALA A 253 28.52 4.02 -2.22
N ALA A 254 28.50 2.77 -1.78
CA ALA A 254 28.44 2.44 -0.36
C ALA A 254 29.75 2.86 0.34
N GLN A 255 30.87 2.56 -0.29
CA GLN A 255 32.15 2.97 0.25
C GLN A 255 32.22 4.51 0.41
N ALA A 256 31.80 5.25 -0.61
CA ALA A 256 31.79 6.69 -0.52
C ALA A 256 30.96 7.16 0.69
N LEU A 257 29.75 6.63 0.81
CA LEU A 257 28.92 6.95 1.97
C LEU A 257 29.65 6.70 3.27
N LEU A 258 30.17 5.49 3.45
CA LEU A 258 30.84 5.13 4.70
C LEU A 258 32.10 5.97 4.98
N GLU A 259 32.83 6.33 3.93
CA GLU A 259 34.02 7.14 4.10
C GLU A 259 33.60 8.48 4.70
N GLN A 260 32.42 8.91 4.29
CA GLN A 260 31.86 10.17 4.77
C GLN A 260 31.41 10.08 6.23
N VAL A 261 30.67 9.01 6.57
CA VAL A 261 30.30 8.74 7.95
C VAL A 261 31.54 8.76 8.82
N ALA A 262 32.63 8.17 8.33
CA ALA A 262 33.87 8.12 9.10
C ALA A 262 34.43 9.52 9.43
N LYS A 263 34.55 10.39 8.44
CA LYS A 263 35.00 11.77 8.67
C LYS A 263 34.10 12.52 9.66
N THR A 264 32.80 12.56 9.36
CA THR A 264 31.84 13.33 10.12
C THR A 264 31.69 12.80 11.54
N GLY A 265 31.64 11.48 11.68
CA GLY A 265 31.41 10.87 12.98
C GLY A 265 32.64 10.64 13.83
N SER A 266 33.82 10.88 13.23
CA SER A 266 35.08 10.60 13.90
C SER A 266 35.20 9.11 14.19
N LEU A 267 34.86 8.30 13.20
CA LEU A 267 34.90 6.87 13.34
C LEU A 267 36.01 6.30 12.46
N GLN A 268 36.60 5.22 12.94
CA GLN A 268 37.54 4.46 12.14
C GLN A 268 36.82 3.23 11.62
N LEU A 269 36.54 3.22 10.33
CA LEU A 269 35.76 2.15 9.73
C LEU A 269 36.62 1.31 8.80
N PRO A 270 36.67 -0.02 9.04
CA PRO A 270 37.51 -0.92 8.21
C PRO A 270 36.83 -1.22 6.88
N LEU A 271 37.24 -0.52 5.83
CA LEU A 271 36.52 -0.54 4.57
C LEU A 271 37.19 -1.39 3.50
N ALA A 272 38.32 -2.01 3.85
CA ALA A 272 39.14 -2.74 2.86
C ALA A 272 38.35 -3.73 1.99
N VAL A 273 37.57 -4.60 2.63
CA VAL A 273 36.86 -5.64 1.90
C VAL A 273 35.79 -5.04 0.97
N LEU A 274 35.18 -3.95 1.40
CA LEU A 274 34.16 -3.29 0.60
C LEU A 274 34.80 -2.59 -0.58
N ALA A 275 35.99 -2.04 -0.37
CA ALA A 275 36.73 -1.36 -1.43
C ALA A 275 37.13 -2.35 -2.51
N GLU A 276 37.53 -3.54 -2.06
CA GLU A 276 37.85 -4.64 -2.96
C GLU A 276 36.65 -4.95 -3.83
N ALA A 277 35.49 -5.08 -3.21
CA ALA A 277 34.29 -5.39 -3.96
C ALA A 277 33.97 -4.27 -4.94
N ALA A 278 34.13 -3.03 -4.51
CA ALA A 278 33.90 -1.87 -5.38
C ALA A 278 34.79 -1.94 -6.62
N ALA A 279 36.07 -2.22 -6.40
CA ALA A 279 37.01 -2.30 -7.50
C ALA A 279 36.62 -3.40 -8.49
N GLU A 280 36.31 -4.57 -7.96
CA GLU A 280 35.92 -5.70 -8.79
C GLU A 280 34.72 -5.36 -9.66
N VAL A 281 33.70 -4.76 -9.06
CA VAL A 281 32.51 -4.33 -9.78
C VAL A 281 32.82 -3.24 -10.79
N GLN A 282 33.62 -2.25 -10.39
CA GLN A 282 34.07 -1.22 -11.29
C GLN A 282 34.74 -1.81 -12.55
N ALA A 283 35.60 -2.81 -12.37
CA ALA A 283 36.27 -3.42 -13.52
C ALA A 283 35.32 -4.19 -14.43
N LYS A 284 34.27 -4.76 -13.87
CA LYS A 284 33.28 -5.48 -14.66
C LYS A 284 32.46 -4.52 -15.52
N ILE A 285 32.16 -3.35 -14.96
CA ILE A 285 31.41 -2.32 -15.69
C ILE A 285 32.21 -1.74 -16.86
N ASP A 286 33.52 -1.54 -16.67
CA ASP A 286 34.34 -1.01 -17.76
C ASP A 286 34.33 -2.03 -18.89
N GLU A 287 34.64 -3.27 -18.56
CA GLU A 287 34.64 -4.36 -19.53
C GLU A 287 33.33 -4.40 -20.32
N GLN A 288 32.23 -4.25 -19.60
CA GLN A 288 30.90 -4.38 -20.16
C GLN A 288 30.55 -3.20 -21.05
N VAL A 289 30.99 -2.01 -20.64
CA VAL A 289 30.70 -0.80 -21.38
C VAL A 289 31.58 -0.70 -22.61
N GLN A 290 32.80 -1.23 -22.52
CA GLN A 290 33.71 -1.21 -23.65
C GLN A 290 33.42 -2.32 -24.66
N ALA A 291 32.42 -3.15 -24.35
CA ALA A 291 32.02 -4.24 -25.25
C ALA A 291 30.73 -3.91 -25.98
N SER A 292 30.25 -2.68 -25.76
CA SER A 292 29.04 -2.18 -26.40
C SER A 292 29.26 -0.74 -26.82
N ALA A 293 29.63 -0.53 -28.08
CA ALA A 293 29.94 0.80 -28.56
C ALA A 293 28.77 1.78 -28.37
N GLU A 294 27.57 1.23 -28.16
CA GLU A 294 26.40 2.06 -27.90
C GLU A 294 26.41 2.63 -26.48
N VAL A 295 26.71 1.78 -25.50
CA VAL A 295 26.79 2.22 -24.12
C VAL A 295 28.10 2.98 -23.92
N ALA A 296 29.09 2.64 -24.72
CA ALA A 296 30.37 3.34 -24.68
C ALA A 296 30.17 4.81 -25.04
N GLN A 297 29.15 5.11 -25.84
CA GLN A 297 28.88 6.49 -26.24
C GLN A 297 28.10 7.25 -25.18
N VAL A 298 27.03 6.62 -24.70
CA VAL A 298 26.26 7.18 -23.59
C VAL A 298 27.21 7.66 -22.50
N VAL A 299 28.12 6.77 -22.10
CA VAL A 299 29.05 7.05 -21.02
C VAL A 299 29.98 8.21 -21.38
N ALA A 300 30.62 8.10 -22.54
CA ALA A 300 31.51 9.16 -23.03
C ALA A 300 30.80 10.51 -23.05
N ALA A 301 29.56 10.52 -23.52
CA ALA A 301 28.75 11.74 -23.47
C ALA A 301 28.63 12.27 -22.04
N LEU A 302 28.35 11.39 -21.09
CA LEU A 302 28.25 11.77 -19.68
C LEU A 302 29.57 12.35 -19.16
N GLU A 303 30.67 11.68 -19.47
CA GLU A 303 31.97 12.17 -19.04
C GLU A 303 32.15 13.61 -19.49
N ARG A 304 31.71 13.91 -20.71
CA ARG A 304 31.80 15.26 -21.25
C ARG A 304 31.02 16.25 -20.38
N GLN A 305 29.73 15.99 -20.18
CA GLN A 305 28.90 16.85 -19.33
C GLN A 305 29.51 17.06 -17.96
N TYR A 306 30.02 15.98 -17.38
CA TYR A 306 30.54 16.01 -16.02
C TYR A 306 31.78 16.89 -15.91
N ASP A 307 32.73 16.72 -16.83
CA ASP A 307 33.93 17.55 -16.84
C ASP A 307 33.57 19.02 -17.01
N ALA A 308 32.57 19.29 -17.85
CA ALA A 308 32.08 20.65 -18.10
C ALA A 308 31.40 21.27 -16.89
N PHE A 309 30.61 20.49 -16.16
CA PHE A 309 30.00 20.98 -14.92
C PHE A 309 31.06 21.26 -13.86
N ILE A 310 32.07 20.40 -13.81
CA ILE A 310 33.21 20.61 -12.92
C ILE A 310 33.88 21.93 -13.25
N ASP A 311 34.41 22.04 -14.47
CA ASP A 311 35.08 23.26 -14.93
C ASP A 311 34.26 24.52 -14.68
N ALA A 312 32.95 24.43 -14.93
CA ALA A 312 32.06 25.56 -14.75
C ALA A 312 31.91 25.93 -13.28
N GLN A 313 31.64 24.93 -12.44
CA GLN A 313 31.54 25.15 -11.00
C GLN A 313 32.89 25.58 -10.43
N GLU A 314 33.96 25.17 -11.11
CA GLU A 314 35.32 25.52 -10.70
C GLU A 314 35.62 26.99 -10.99
N ASN A 315 35.27 27.44 -12.19
CA ASN A 315 35.48 28.84 -12.58
C ASN A 315 34.64 29.80 -11.74
N ARG A 316 33.44 29.37 -11.36
CA ARG A 316 32.58 30.16 -10.49
C ARG A 316 33.29 30.41 -9.17
N SER A 317 34.20 29.51 -8.82
CA SER A 317 35.03 29.66 -7.61
C SER A 317 36.02 30.84 -7.75
N LEU A 318 36.39 31.17 -8.98
CA LEU A 318 37.27 32.30 -9.25
C LEU A 318 36.50 33.50 -9.82
N GLY A 332 19.70 20.09 -9.27
CA GLY A 332 18.61 20.73 -8.57
C GLY A 332 17.27 20.20 -9.06
N ALA A 333 17.03 20.37 -10.36
CA ALA A 333 15.85 19.80 -11.01
C ALA A 333 16.08 18.33 -11.31
N GLU A 334 17.33 17.97 -11.56
CA GLU A 334 17.70 16.56 -11.71
C GLU A 334 17.42 15.81 -10.40
N PHE A 335 17.90 16.39 -9.30
CA PHE A 335 17.66 15.82 -7.99
C PHE A 335 16.15 15.54 -7.76
N GLU A 336 15.30 16.51 -8.12
CA GLU A 336 13.85 16.39 -7.96
C GLU A 336 13.23 15.32 -8.87
N ARG A 337 13.56 15.36 -10.16
CA ARG A 337 12.96 14.48 -11.15
C ARG A 337 13.33 13.02 -10.90
N PHE A 338 14.58 12.81 -10.50
CA PHE A 338 15.13 11.48 -10.25
C PHE A 338 14.69 10.87 -8.91
N LEU A 339 14.74 11.68 -7.86
CA LEU A 339 14.34 11.22 -6.52
C LEU A 339 12.85 10.90 -6.46
N ALA A 340 12.02 11.79 -7.02
CA ALA A 340 10.59 11.58 -7.07
C ALA A 340 10.24 10.32 -7.87
N GLN A 341 11.07 10.04 -8.87
CA GLN A 341 10.87 8.89 -9.76
C GLN A 341 11.05 7.58 -9.00
N GLN A 342 12.08 7.56 -8.15
CA GLN A 342 12.39 6.41 -7.29
C GLN A 342 11.38 6.26 -6.17
N ALA A 343 11.02 7.39 -5.57
CA ALA A 343 10.04 7.45 -4.49
C ALA A 343 8.70 6.76 -4.79
N GLU A 344 8.39 6.61 -6.09
CA GLU A 344 7.20 5.90 -6.54
C GLU A 344 7.41 4.39 -6.49
N ARG B 39 1.23 11.25 33.63
CA ARG B 39 0.98 11.00 32.21
C ARG B 39 -0.50 11.21 31.85
N GLU B 40 -0.78 12.27 31.10
CA GLU B 40 -2.16 12.66 30.75
C GLU B 40 -2.64 11.99 29.45
N TYR B 41 -3.77 11.29 29.55
CA TYR B 41 -4.34 10.61 28.39
C TYR B 41 -5.47 11.42 27.75
N GLU B 42 -5.22 11.92 26.54
CA GLU B 42 -6.15 12.77 25.80
C GLU B 42 -7.33 11.96 25.22
N PRO B 43 -8.55 12.21 25.74
CA PRO B 43 -9.68 11.30 25.55
C PRO B 43 -10.15 11.15 24.12
N GLY B 44 -10.74 9.99 23.81
CA GLY B 44 -11.22 9.69 22.49
C GLY B 44 -11.34 8.20 22.29
N GLN B 45 -11.00 7.74 21.08
CA GLN B 45 -10.88 6.30 20.81
C GLN B 45 -9.45 5.98 20.39
N PRO B 46 -8.71 5.27 21.24
CA PRO B 46 -7.28 4.98 21.05
C PRO B 46 -6.98 4.39 19.67
N GLY B 47 -6.00 4.97 18.98
CA GLY B 47 -5.67 4.54 17.62
C GLY B 47 -6.66 4.93 16.53
N MET B 48 -7.58 5.84 16.84
CA MET B 48 -8.59 6.27 15.89
C MET B 48 -8.83 7.79 15.91
N TYR B 49 -9.31 8.35 17.02
CA TYR B 49 -9.42 9.80 17.11
C TYR B 49 -9.17 10.35 18.51
N GLU B 50 -8.72 11.60 18.57
CA GLU B 50 -8.75 12.38 19.81
C GLU B 50 -9.81 13.48 19.75
N LEU B 51 -10.58 13.60 20.82
CA LEU B 51 -11.51 14.71 20.94
C LEU B 51 -10.81 16.03 21.24
N GLU B 52 -11.24 17.09 20.57
CA GLU B 52 -10.75 18.43 20.87
C GLU B 52 -11.75 19.15 21.74
N PHE B 53 -11.29 19.64 22.88
CA PHE B 53 -12.20 20.27 23.84
C PHE B 53 -12.31 21.79 23.75
N PRO B 54 -13.51 22.31 24.06
CA PRO B 54 -14.63 21.41 24.34
C PRO B 54 -15.43 21.24 23.07
N ALA B 55 -16.44 20.38 23.05
CA ALA B 55 -17.25 20.25 21.85
C ALA B 55 -17.96 21.56 21.65
N PRO B 56 -18.20 21.94 20.38
CA PRO B 56 -18.84 23.22 20.13
C PRO B 56 -20.35 23.07 20.24
N GLN B 57 -21.07 24.19 20.19
CA GLN B 57 -22.51 24.13 20.17
C GLN B 57 -22.94 24.01 18.72
N LEU B 58 -23.77 23.00 18.44
CA LEU B 58 -24.14 22.65 17.07
C LEU B 58 -25.65 22.71 16.88
N SER B 59 -26.33 23.34 17.83
CA SER B 59 -27.77 23.54 17.75
C SER B 59 -28.09 24.86 17.05
N SER B 60 -29.08 24.82 16.16
CA SER B 60 -29.45 25.99 15.37
C SER B 60 -30.44 26.84 16.13
N SER B 61 -30.94 27.89 15.46
CA SER B 61 -32.02 28.71 16.00
C SER B 61 -33.29 27.88 16.14
N ASP B 62 -33.65 27.15 15.08
CA ASP B 62 -34.79 26.23 15.12
C ASP B 62 -34.52 25.01 16.01
N GLY B 63 -33.26 24.83 16.40
CA GLY B 63 -32.88 23.79 17.33
C GLY B 63 -32.75 22.39 16.74
N ARG B 64 -32.57 22.30 15.43
CA ARG B 64 -32.36 20.98 14.80
C ARG B 64 -30.89 20.66 14.56
N GLY B 65 -30.60 19.40 14.24
CA GLY B 65 -29.22 18.95 14.11
C GLY B 65 -28.42 19.55 12.96
N PRO B 66 -27.08 19.46 13.05
CA PRO B 66 -26.19 19.92 11.98
C PRO B 66 -26.20 19.01 10.75
N VAL B 67 -25.85 19.58 9.63
CA VAL B 67 -25.55 18.81 8.43
C VAL B 67 -24.10 18.37 8.55
N LEU B 68 -23.79 17.18 8.05
CA LEU B 68 -22.40 16.72 8.00
C LEU B 68 -21.97 16.59 6.57
N VAL B 69 -20.92 17.33 6.22
CA VAL B 69 -20.31 17.24 4.90
C VAL B 69 -19.03 16.45 5.00
N HIS B 70 -18.88 15.43 4.16
CA HIS B 70 -17.61 14.73 4.10
C HIS B 70 -16.89 14.90 2.76
N ALA B 71 -15.58 15.11 2.86
CA ALA B 71 -14.74 15.44 1.71
C ALA B 71 -13.37 14.81 1.91
N LEU B 72 -13.22 13.61 1.36
CA LEU B 72 -11.98 12.84 1.54
C LEU B 72 -11.18 12.75 0.24
N GLU B 73 -9.88 13.01 0.33
CA GLU B 73 -9.02 12.93 -0.84
C GLU B 73 -8.31 11.59 -0.94
N GLY B 74 -8.13 11.10 -2.17
CA GLY B 74 -7.38 9.89 -2.39
C GLY B 74 -8.11 8.87 -3.25
N PHE B 75 -9.38 9.12 -3.54
CA PHE B 75 -10.19 8.18 -4.31
C PHE B 75 -10.31 8.62 -5.76
N SER B 76 -10.84 9.82 -5.97
CA SER B 76 -10.98 10.39 -7.30
C SER B 76 -10.99 11.91 -7.17
N ASP B 77 -9.88 12.54 -7.56
CA ASP B 77 -9.70 13.97 -7.29
C ASP B 77 -9.56 14.82 -8.59
N ALA B 78 -10.37 14.50 -9.60
CA ALA B 78 -10.34 15.28 -10.83
C ALA B 78 -10.54 16.77 -10.53
N GLY B 79 -9.65 17.60 -11.10
CA GLY B 79 -9.70 19.02 -10.86
C GLY B 79 -9.38 19.38 -9.43
N HIS B 80 -8.88 18.39 -8.68
CA HIS B 80 -8.64 18.55 -7.24
C HIS B 80 -9.84 19.21 -6.56
N ALA B 81 -11.02 18.98 -7.11
CA ALA B 81 -12.25 19.61 -6.63
C ALA B 81 -12.56 19.40 -5.14
N ILE B 82 -12.24 18.22 -4.59
CA ILE B 82 -12.56 17.92 -3.20
C ILE B 82 -11.64 18.68 -2.23
N ARG B 83 -10.34 18.66 -2.51
CA ARG B 83 -9.35 19.43 -1.75
C ARG B 83 -9.75 20.91 -1.72
N LEU B 84 -10.05 21.45 -2.90
CA LEU B 84 -10.34 22.87 -3.04
C LEU B 84 -11.66 23.27 -2.38
N ALA B 85 -12.64 22.38 -2.43
CA ALA B 85 -13.92 22.62 -1.79
C ALA B 85 -13.76 22.70 -0.27
N ALA B 86 -13.02 21.75 0.30
CA ALA B 86 -12.79 21.71 1.73
C ALA B 86 -11.98 22.92 2.17
N ALA B 87 -10.90 23.18 1.43
CA ALA B 87 -10.00 24.28 1.77
C ALA B 87 -10.76 25.58 1.84
N HIS B 88 -11.58 25.83 0.83
CA HIS B 88 -12.33 27.07 0.80
C HIS B 88 -13.22 27.27 2.03
N LEU B 89 -13.98 26.23 2.39
CA LEU B 89 -14.86 26.31 3.54
C LEU B 89 -14.05 26.66 4.78
N LYS B 90 -12.91 26.01 4.96
CA LYS B 90 -12.06 26.25 6.13
C LYS B 90 -11.46 27.66 6.14
N ALA B 91 -11.07 28.13 4.95
CA ALA B 91 -10.52 29.46 4.78
C ALA B 91 -11.58 30.56 4.92
N ALA B 92 -12.76 30.31 4.37
CA ALA B 92 -13.78 31.34 4.27
C ALA B 92 -14.73 31.38 5.45
N LEU B 93 -14.63 30.43 6.36
CA LEU B 93 -15.60 30.33 7.45
C LEU B 93 -14.96 30.11 8.81
N ASP B 94 -15.72 30.42 9.86
CA ASP B 94 -15.28 30.16 11.22
C ASP B 94 -15.22 28.66 11.43
N THR B 95 -14.07 28.17 11.86
CA THR B 95 -13.80 26.73 11.90
C THR B 95 -13.15 26.32 13.21
N GLU B 96 -13.69 25.28 13.83
CA GLU B 96 -13.14 24.76 15.08
C GLU B 96 -12.98 23.24 15.01
N LEU B 97 -11.84 22.75 15.48
CA LEU B 97 -11.57 21.31 15.47
C LEU B 97 -12.43 20.61 16.51
N VAL B 98 -13.06 19.49 16.12
CA VAL B 98 -13.88 18.71 17.04
C VAL B 98 -13.17 17.40 17.40
N ALA B 99 -12.59 16.76 16.40
CA ALA B 99 -11.84 15.54 16.62
C ALA B 99 -10.77 15.43 15.55
N SER B 100 -9.56 15.04 15.94
CA SER B 100 -8.56 14.78 14.92
C SER B 100 -8.32 13.30 14.89
N PHE B 101 -8.45 12.72 13.70
CA PHE B 101 -8.27 11.29 13.55
C PHE B 101 -6.80 10.89 13.53
N ALA B 102 -6.52 9.64 13.90
CA ALA B 102 -5.14 9.15 14.00
C ALA B 102 -4.60 8.76 12.65
N ILE B 103 -4.37 9.77 11.82
CA ILE B 103 -3.91 9.59 10.44
C ILE B 103 -2.65 8.71 10.38
N ASP B 104 -1.80 8.83 11.41
CA ASP B 104 -0.55 8.07 11.45
C ASP B 104 -0.81 6.56 11.53
N GLU B 105 -1.97 6.19 12.05
CA GLU B 105 -2.40 4.80 12.17
C GLU B 105 -3.19 4.34 10.96
N LEU B 106 -3.58 5.30 10.10
CA LEU B 106 -4.49 5.03 9.01
C LEU B 106 -3.83 5.17 7.62
N LEU B 107 -2.62 5.71 7.58
CA LEU B 107 -2.03 6.10 6.32
C LEU B 107 -0.88 5.23 5.87
N ASP B 108 -0.87 4.91 4.57
CA ASP B 108 0.27 4.25 3.94
C ASP B 108 1.25 5.31 3.46
N TYR B 109 2.24 5.63 4.30
CA TYR B 109 3.15 6.76 4.02
C TYR B 109 4.00 6.57 2.77
N ARG B 110 4.24 5.32 2.39
CA ARG B 110 5.04 5.04 1.19
C ARG B 110 4.25 5.16 -0.11
N SER B 111 2.94 4.97 -0.05
CA SER B 111 2.10 5.24 -1.24
C SER B 111 1.86 6.73 -1.40
N ARG B 112 1.66 7.44 -0.29
CA ARG B 112 1.46 8.87 -0.34
C ARG B 112 2.44 9.64 0.55
N ARG B 113 3.69 9.74 0.12
CA ARG B 113 4.73 10.42 0.90
C ARG B 113 4.47 11.91 1.09
N PRO B 114 4.56 12.38 2.34
CA PRO B 114 4.39 13.80 2.64
C PRO B 114 5.45 14.61 1.94
N LEU B 115 5.06 15.77 1.42
CA LEU B 115 5.96 16.63 0.70
C LEU B 115 6.89 17.36 1.66
N MET B 116 8.19 17.28 1.42
CA MET B 116 9.15 18.02 2.24
C MET B 116 9.82 19.16 1.48
N THR B 117 10.13 20.24 2.21
CA THR B 117 10.80 21.39 1.59
C THR B 117 12.28 21.43 1.96
N PHE B 118 13.12 21.65 0.96
CA PHE B 118 14.55 21.69 1.12
C PHE B 118 15.05 23.04 0.63
N LYS B 119 15.68 23.81 1.51
CA LYS B 119 16.23 25.12 1.14
C LYS B 119 17.75 25.12 1.20
N THR B 120 18.39 24.91 0.05
CA THR B 120 19.86 24.97 -0.06
C THR B 120 20.64 23.75 0.45
N ASP B 121 20.58 23.51 1.75
CA ASP B 121 21.36 22.43 2.36
C ASP B 121 20.68 21.77 3.57
N HIS B 122 19.38 21.98 3.71
CA HIS B 122 18.65 21.35 4.82
C HIS B 122 17.14 21.37 4.60
N PHE B 123 16.44 20.51 5.34
CA PHE B 123 14.99 20.40 5.23
C PHE B 123 14.30 21.44 6.13
N THR B 124 13.33 22.17 5.58
CA THR B 124 12.72 23.29 6.31
C THR B 124 11.23 23.12 6.59
N HIS B 125 10.61 22.14 5.95
CA HIS B 125 9.19 21.97 6.14
C HIS B 125 8.69 20.59 5.78
N SER B 126 7.73 20.12 6.55
CA SER B 126 7.05 18.88 6.26
C SER B 126 5.56 19.14 6.11
N ASP B 127 5.02 18.74 4.98
CA ASP B 127 3.60 18.88 4.74
C ASP B 127 2.82 17.71 5.39
N ASP B 128 2.47 17.85 6.65
CA ASP B 128 1.83 16.75 7.39
C ASP B 128 0.41 16.44 6.94
N PRO B 129 0.10 15.14 6.75
CA PRO B 129 -1.24 14.73 6.33
C PRO B 129 -2.25 14.96 7.45
N GLU B 130 -3.50 15.24 7.11
CA GLU B 130 -4.50 15.41 8.14
C GLU B 130 -5.80 14.66 7.84
N LEU B 131 -6.53 14.34 8.90
CA LEU B 131 -7.86 13.75 8.79
C LEU B 131 -8.65 14.23 10.00
N SER B 132 -9.61 15.11 9.77
CA SER B 132 -10.25 15.83 10.88
C SER B 132 -11.76 15.99 10.74
N LEU B 133 -12.43 16.07 11.89
CA LEU B 133 -13.82 16.52 11.97
C LEU B 133 -13.89 17.97 12.46
N TYR B 134 -14.42 18.86 11.63
CA TYR B 134 -14.52 20.28 12.01
C TYR B 134 -15.95 20.73 12.27
N ALA B 135 -16.09 21.74 13.12
CA ALA B 135 -17.36 22.44 13.29
C ALA B 135 -17.23 23.82 12.66
N LEU B 136 -18.17 24.17 11.78
CA LEU B 136 -18.13 25.46 11.11
C LEU B 136 -19.44 26.21 11.32
N ARG B 137 -19.42 27.52 11.11
CA ARG B 137 -20.66 28.30 11.05
C ARG B 137 -20.80 28.99 9.70
N ASP B 138 -21.94 28.83 9.05
CA ASP B 138 -22.17 29.49 7.76
C ASP B 138 -22.37 31.00 7.91
N SER B 139 -22.78 31.66 6.83
CA SER B 139 -22.77 33.12 6.84
C SER B 139 -23.79 33.76 7.80
N ILE B 140 -24.79 33.01 8.22
CA ILE B 140 -25.71 33.49 9.26
C ILE B 140 -25.56 32.66 10.54
N GLY B 141 -24.36 32.10 10.71
CA GLY B 141 -24.01 31.42 11.95
C GLY B 141 -24.70 30.10 12.22
N THR B 142 -25.20 29.44 11.17
CA THR B 142 -25.71 28.08 11.29
C THR B 142 -24.55 27.10 11.36
N PRO B 143 -24.43 26.37 12.48
CA PRO B 143 -23.35 25.39 12.62
C PRO B 143 -23.57 24.16 11.72
N PHE B 144 -22.46 23.64 11.20
CA PHE B 144 -22.47 22.36 10.48
C PHE B 144 -21.14 21.67 10.67
N LEU B 145 -21.05 20.40 10.31
CA LEU B 145 -19.82 19.64 10.50
C LEU B 145 -19.15 19.37 9.17
N LEU B 146 -17.81 19.34 9.19
CA LEU B 146 -17.03 18.99 8.03
C LEU B 146 -15.99 17.91 8.37
N LEU B 147 -16.14 16.74 7.75
CA LEU B 147 -15.12 15.69 7.78
C LEU B 147 -14.23 15.85 6.56
N ALA B 148 -12.97 16.21 6.76
CA ALA B 148 -12.09 16.47 5.62
C ALA B 148 -10.66 16.02 5.86
N GLY B 149 -9.99 15.63 4.78
CA GLY B 149 -8.59 15.22 4.83
C GLY B 149 -8.33 14.05 3.90
N LEU B 150 -7.26 13.30 4.17
CA LEU B 150 -6.95 12.10 3.39
C LEU B 150 -7.93 10.95 3.62
N GLU B 151 -8.36 10.33 2.54
CA GLU B 151 -9.03 9.05 2.62
C GLU B 151 -8.04 8.07 3.21
N PRO B 152 -8.40 7.41 4.32
CA PRO B 152 -7.47 6.46 4.94
C PRO B 152 -7.26 5.24 4.06
N ASP B 153 -6.08 4.65 4.18
CA ASP B 153 -5.76 3.41 3.48
C ASP B 153 -6.29 2.21 4.26
N LEU B 154 -6.33 2.36 5.58
CA LEU B 154 -6.57 1.24 6.48
C LEU B 154 -7.83 1.40 7.31
N LYS B 155 -8.33 0.27 7.80
CA LYS B 155 -9.40 0.26 8.81
C LYS B 155 -10.66 1.07 8.47
N TRP B 156 -11.17 0.93 7.25
CA TRP B 156 -12.38 1.63 6.84
C TRP B 156 -13.55 1.44 7.80
N GLU B 157 -13.75 0.22 8.29
CA GLU B 157 -14.93 -0.10 9.09
C GLU B 157 -14.86 0.48 10.49
N ARG B 158 -13.67 0.47 11.08
CA ARG B 158 -13.48 1.09 12.38
C ARG B 158 -13.60 2.61 12.24
N PHE B 159 -13.05 3.17 11.17
CA PHE B 159 -13.12 4.60 10.87
C PHE B 159 -14.57 5.04 10.71
N ILE B 160 -15.30 4.32 9.86
CA ILE B 160 -16.69 4.64 9.56
C ILE B 160 -17.60 4.47 10.78
N THR B 161 -17.36 3.43 11.58
CA THR B 161 -18.14 3.28 12.80
C THR B 161 -17.85 4.48 13.72
N ALA B 162 -16.61 4.95 13.73
CA ALA B 162 -16.28 6.07 14.60
C ALA B 162 -16.95 7.37 14.14
N VAL B 163 -16.96 7.62 12.83
CA VAL B 163 -17.59 8.80 12.26
C VAL B 163 -19.08 8.80 12.54
N ARG B 164 -19.71 7.63 12.42
CA ARG B 164 -21.14 7.52 12.65
C ARG B 164 -21.50 7.79 14.11
N LEU B 165 -20.71 7.24 15.01
CA LEU B 165 -20.98 7.38 16.43
C LEU B 165 -20.90 8.85 16.80
N LEU B 166 -19.87 9.52 16.28
CA LEU B 166 -19.70 10.94 16.51
C LEU B 166 -20.88 11.73 15.91
N ALA B 167 -21.25 11.40 14.68
CA ALA B 167 -22.37 12.07 14.05
C ALA B 167 -23.65 11.88 14.86
N GLU B 168 -23.88 10.67 15.35
CA GLU B 168 -25.06 10.45 16.19
C GLU B 168 -25.00 11.23 17.51
N ARG B 169 -23.85 11.22 18.19
CA ARG B 169 -23.70 11.99 19.43
C ARG B 169 -23.96 13.50 19.22
N LEU B 170 -23.68 13.98 18.02
CA LEU B 170 -23.82 15.41 17.74
C LEU B 170 -25.14 15.76 17.07
N GLY B 171 -25.96 14.73 16.84
CA GLY B 171 -27.31 14.92 16.35
C GLY B 171 -27.43 15.22 14.87
N VAL B 172 -26.46 14.75 14.10
CA VAL B 172 -26.43 15.02 12.66
C VAL B 172 -27.75 14.61 12.02
N ARG B 173 -28.35 15.51 11.25
CA ARG B 173 -29.64 15.21 10.59
C ARG B 173 -29.48 14.76 9.15
N GLN B 174 -28.36 15.10 8.53
CA GLN B 174 -28.16 14.82 7.12
C GLN B 174 -26.67 14.76 6.81
N THR B 175 -26.26 13.72 6.08
CA THR B 175 -24.85 13.56 5.73
C THR B 175 -24.65 13.73 4.22
N ILE B 176 -23.73 14.62 3.86
CA ILE B 176 -23.53 15.02 2.46
C ILE B 176 -22.11 14.74 1.97
N GLY B 177 -21.99 13.88 0.98
CA GLY B 177 -20.67 13.48 0.50
C GLY B 177 -20.27 14.17 -0.80
N LEU B 178 -18.98 14.43 -0.96
CA LEU B 178 -18.49 15.06 -2.17
C LEU B 178 -17.62 14.11 -2.95
N GLY B 179 -17.83 14.07 -4.27
CA GLY B 179 -17.05 13.24 -5.17
C GLY B 179 -16.78 13.94 -6.49
N THR B 180 -15.78 13.47 -7.21
CA THR B 180 -15.53 13.91 -8.58
C THR B 180 -15.29 12.72 -9.47
N VAL B 181 -15.51 12.90 -10.77
CA VAL B 181 -15.22 11.87 -11.74
C VAL B 181 -14.90 12.54 -13.08
N PRO B 182 -13.82 12.11 -13.74
CA PRO B 182 -13.49 12.60 -15.08
C PRO B 182 -14.55 12.16 -16.10
N MET B 183 -14.92 13.05 -17.02
CA MET B 183 -15.88 12.72 -18.07
C MET B 183 -15.47 13.40 -19.37
N ALA B 184 -15.93 12.85 -20.49
CA ALA B 184 -15.67 13.45 -21.81
C ALA B 184 -16.55 14.68 -22.02
N VAL B 185 -16.31 15.72 -21.23
CA VAL B 185 -17.12 16.93 -21.28
C VAL B 185 -16.19 18.13 -21.40
N PRO B 186 -16.71 19.26 -21.90
CA PRO B 186 -15.87 20.44 -22.09
C PRO B 186 -15.93 21.34 -20.87
N HIS B 187 -14.92 22.19 -20.70
CA HIS B 187 -14.92 23.14 -19.61
C HIS B 187 -15.70 24.39 -20.03
N THR B 188 -16.15 24.38 -21.28
CA THR B 188 -16.83 25.52 -21.90
C THR B 188 -18.34 25.36 -21.83
N ARG B 189 -18.79 24.27 -21.21
CA ARG B 189 -20.21 24.04 -21.01
C ARG B 189 -20.50 23.91 -19.51
N PRO B 190 -21.74 24.17 -19.11
CA PRO B 190 -22.09 24.10 -17.68
C PRO B 190 -21.58 22.81 -17.05
N ILE B 191 -21.19 22.87 -15.79
CA ILE B 191 -20.68 21.71 -15.08
C ILE B 191 -21.82 20.78 -14.73
N THR B 192 -21.68 19.49 -15.06
CA THR B 192 -22.73 18.53 -14.74
C THR B 192 -22.38 17.72 -13.50
N MET B 193 -23.36 17.00 -12.97
CA MET B 193 -23.19 16.40 -11.67
C MET B 193 -24.18 15.26 -11.46
N THR B 194 -23.70 14.09 -11.04
CA THR B 194 -24.63 13.02 -10.67
C THR B 194 -24.87 13.04 -9.18
N ALA B 195 -26.13 12.87 -8.78
CA ALA B 195 -26.45 12.84 -7.37
C ALA B 195 -27.02 11.48 -6.96
N HIS B 196 -26.74 11.10 -5.73
CA HIS B 196 -27.25 9.85 -5.16
C HIS B 196 -27.73 10.14 -3.75
N SER B 197 -28.76 9.39 -3.32
CA SER B 197 -29.36 9.60 -2.02
C SER B 197 -30.34 8.48 -1.71
N ASN B 198 -30.65 8.31 -0.43
CA ASN B 198 -31.62 7.29 -0.04
C ASN B 198 -33.00 7.90 0.18
N ASN B 199 -33.10 9.20 -0.10
CA ASN B 199 -34.37 9.92 -0.10
C ASN B 199 -34.59 10.58 -1.47
N ARG B 200 -35.45 9.99 -2.31
CA ARG B 200 -35.65 10.48 -3.68
C ARG B 200 -36.11 11.93 -3.76
N GLU B 201 -36.76 12.42 -2.72
CA GLU B 201 -37.23 13.80 -2.69
C GLU B 201 -36.05 14.78 -2.72
N LEU B 202 -34.90 14.34 -2.22
CA LEU B 202 -33.73 15.19 -2.03
C LEU B 202 -32.94 15.45 -3.31
N ILE B 203 -33.26 14.69 -4.35
CA ILE B 203 -32.54 14.78 -5.61
C ILE B 203 -33.51 14.85 -6.79
N SER B 204 -34.64 15.52 -6.57
CA SER B 204 -35.70 15.63 -7.58
C SER B 204 -35.33 16.58 -8.72
N ASP B 205 -34.26 17.36 -8.52
CA ASP B 205 -33.77 18.27 -9.53
C ASP B 205 -32.89 17.53 -10.53
N PHE B 206 -32.65 16.26 -10.26
CA PHE B 206 -31.71 15.47 -11.06
C PHE B 206 -32.43 14.38 -11.86
N GLN B 207 -31.76 13.89 -12.91
CA GLN B 207 -32.32 12.88 -13.79
C GLN B 207 -31.34 11.73 -13.95
N PRO B 208 -31.57 10.64 -13.20
CA PRO B 208 -30.65 9.50 -13.11
C PRO B 208 -30.49 8.75 -14.43
N SER B 209 -29.28 8.77 -14.99
CA SER B 209 -28.99 8.04 -16.21
C SER B 209 -28.09 6.83 -15.94
N ILE B 210 -28.45 6.03 -14.94
CA ILE B 210 -27.64 4.87 -14.55
C ILE B 210 -28.50 3.67 -14.13
N SER B 211 -28.15 2.50 -14.63
CA SER B 211 -28.74 1.25 -14.18
C SER B 211 -27.76 0.57 -13.24
N GLU B 212 -28.05 -0.65 -12.84
CA GLU B 212 -27.21 -1.37 -11.89
C GLU B 212 -25.75 -1.48 -12.36
N ILE B 213 -24.85 -0.89 -11.60
CA ILE B 213 -23.42 -1.00 -11.88
C ILE B 213 -22.63 -1.36 -10.64
N GLN B 214 -21.38 -1.75 -10.84
CA GLN B 214 -20.47 -2.08 -9.76
C GLN B 214 -19.35 -1.07 -9.80
N VAL B 215 -19.13 -0.36 -8.69
CA VAL B 215 -18.04 0.58 -8.65
C VAL B 215 -17.09 0.26 -7.50
N PRO B 216 -15.81 0.62 -7.66
CA PRO B 216 -14.87 0.39 -6.57
C PRO B 216 -15.32 1.20 -5.38
N GLY B 217 -15.02 0.75 -4.17
CA GLY B 217 -15.45 1.47 -2.99
C GLY B 217 -14.50 2.57 -2.58
N SER B 218 -15.05 3.63 -2.01
CA SER B 218 -14.26 4.66 -1.37
C SER B 218 -14.74 4.74 0.07
N ALA B 219 -13.95 5.34 0.94
CA ALA B 219 -14.35 5.51 2.33
C ALA B 219 -15.59 6.38 2.39
N SER B 220 -15.64 7.40 1.55
CA SER B 220 -16.81 8.28 1.52
C SER B 220 -18.07 7.54 1.11
N ASN B 221 -17.95 6.67 0.10
CA ASN B 221 -19.13 5.99 -0.41
C ASN B 221 -19.63 4.96 0.58
N LEU B 222 -18.69 4.22 1.15
CA LEU B 222 -18.98 3.23 2.18
C LEU B 222 -19.56 3.91 3.41
N LEU B 223 -19.05 5.09 3.75
CA LEU B 223 -19.60 5.86 4.86
C LEU B 223 -21.07 6.18 4.57
N GLU B 224 -21.31 6.77 3.41
CA GLU B 224 -22.67 7.04 2.96
C GLU B 224 -23.58 5.82 3.06
N TYR B 225 -23.10 4.68 2.57
CA TYR B 225 -23.88 3.44 2.61
C TYR B 225 -24.13 2.92 4.04
N ARG B 226 -23.08 2.86 4.86
CA ARG B 226 -23.22 2.34 6.22
C ARG B 226 -24.15 3.22 7.01
N MET B 227 -24.02 4.51 6.76
CA MET B 227 -24.84 5.54 7.36
C MET B 227 -26.32 5.32 7.00
N ALA B 228 -26.57 4.98 5.74
CA ALA B 228 -27.91 4.66 5.27
C ALA B 228 -28.47 3.38 5.90
N GLN B 229 -27.64 2.35 6.01
CA GLN B 229 -28.09 1.11 6.62
C GLN B 229 -28.57 1.35 8.05
N HIS B 230 -28.15 2.47 8.63
CA HIS B 230 -28.53 2.77 9.98
C HIS B 230 -29.64 3.82 10.07
N GLY B 231 -30.30 4.07 8.94
CA GLY B 231 -31.46 4.95 8.93
C GLY B 231 -31.14 6.43 8.86
N HIS B 232 -29.89 6.79 8.65
CA HIS B 232 -29.55 8.19 8.50
C HIS B 232 -29.82 8.67 7.07
N GLU B 233 -30.28 9.92 6.95
CA GLU B 233 -30.48 10.54 5.65
C GLU B 233 -29.13 10.88 5.04
N VAL B 234 -28.83 10.29 3.89
CA VAL B 234 -27.60 10.61 3.21
C VAL B 234 -27.86 11.12 1.81
N VAL B 235 -26.99 12.00 1.34
CA VAL B 235 -26.97 12.38 -0.06
C VAL B 235 -25.54 12.68 -0.46
N GLY B 236 -25.21 12.40 -1.71
CA GLY B 236 -23.90 12.71 -2.27
C GLY B 236 -23.94 13.31 -3.66
N PHE B 237 -22.92 14.10 -3.97
CA PHE B 237 -22.82 14.74 -5.28
C PHE B 237 -21.46 14.43 -5.89
N THR B 238 -21.48 13.85 -7.08
CA THR B 238 -20.25 13.58 -7.83
C THR B 238 -20.18 14.49 -9.05
N VAL B 239 -19.26 15.45 -9.00
CA VAL B 239 -19.19 16.48 -10.03
C VAL B 239 -18.38 15.99 -11.22
N HIS B 240 -18.80 16.38 -12.42
CA HIS B 240 -18.16 15.90 -13.63
C HIS B 240 -17.09 16.88 -14.10
N VAL B 241 -15.88 16.38 -14.26
CA VAL B 241 -14.76 17.25 -14.57
C VAL B 241 -14.21 16.87 -15.92
N PRO B 242 -13.98 17.86 -16.81
CA PRO B 242 -13.39 17.51 -18.10
C PRO B 242 -12.17 16.64 -17.87
N HIS B 243 -12.02 15.56 -18.62
CA HIS B 243 -10.97 14.59 -18.33
C HIS B 243 -9.56 15.13 -18.56
N TYR B 244 -9.43 16.15 -19.40
CA TYR B 244 -8.11 16.72 -19.66
C TYR B 244 -7.72 17.75 -18.60
N LEU B 245 -8.53 17.85 -17.55
CA LEU B 245 -8.26 18.76 -16.45
C LEU B 245 -8.15 17.97 -15.16
N THR B 246 -7.97 16.67 -15.30
CA THR B 246 -7.97 15.77 -14.16
C THR B 246 -6.90 16.12 -13.14
N GLN B 247 -5.77 16.62 -13.62
CA GLN B 247 -4.63 16.76 -12.74
C GLN B 247 -4.21 18.19 -12.55
N THR B 248 -5.18 19.10 -12.59
CA THR B 248 -4.94 20.50 -12.30
C THR B 248 -6.07 21.03 -11.44
N ASP B 249 -5.83 22.15 -10.74
CA ASP B 249 -6.89 22.83 -10.01
C ASP B 249 -7.97 23.36 -10.93
N TYR B 250 -9.19 22.89 -10.75
CA TYR B 250 -10.32 23.43 -11.49
C TYR B 250 -11.40 23.88 -10.49
N PRO B 251 -11.18 25.05 -9.87
CA PRO B 251 -12.03 25.60 -8.81
C PRO B 251 -13.54 25.60 -9.11
N ALA B 252 -13.91 25.71 -10.38
CA ALA B 252 -15.31 25.72 -10.75
C ALA B 252 -16.02 24.46 -10.28
N ALA B 253 -15.32 23.33 -10.39
CA ALA B 253 -15.85 22.06 -9.94
C ALA B 253 -16.17 22.10 -8.44
N ALA B 254 -15.27 22.66 -7.65
CA ALA B 254 -15.50 22.86 -6.22
C ALA B 254 -16.72 23.73 -5.99
N GLN B 255 -16.78 24.86 -6.70
CA GLN B 255 -17.92 25.77 -6.63
C GLN B 255 -19.24 25.03 -6.85
N ALA B 256 -19.33 24.27 -7.94
CA ALA B 256 -20.53 23.49 -8.21
C ALA B 256 -20.91 22.62 -7.01
N LEU B 257 -19.94 21.87 -6.47
CA LEU B 257 -20.25 21.02 -5.33
C LEU B 257 -20.77 21.85 -4.16
N LEU B 258 -20.00 22.86 -3.77
CA LEU B 258 -20.37 23.69 -2.63
C LEU B 258 -21.71 24.41 -2.83
N GLU B 259 -21.99 24.84 -4.06
CA GLU B 259 -23.27 25.46 -4.34
C GLU B 259 -24.38 24.46 -4.07
N GLN B 260 -24.14 23.22 -4.47
CA GLN B 260 -25.12 22.17 -4.30
C GLN B 260 -25.28 21.81 -2.83
N VAL B 261 -24.21 21.96 -2.07
CA VAL B 261 -24.22 21.70 -0.63
C VAL B 261 -25.05 22.78 0.06
N ALA B 262 -24.80 24.03 -0.32
CA ALA B 262 -25.57 25.15 0.20
C ALA B 262 -27.07 24.90 0.02
N LYS B 263 -27.41 24.47 -1.19
CA LYS B 263 -28.82 24.25 -1.56
C LYS B 263 -29.45 23.16 -0.70
N THR B 264 -28.80 22.00 -0.63
CA THR B 264 -29.37 20.82 0.02
C THR B 264 -29.38 20.87 1.55
N GLY B 265 -28.40 21.54 2.13
CA GLY B 265 -28.27 21.58 3.58
C GLY B 265 -28.85 22.81 4.22
N SER B 266 -29.39 23.72 3.41
CA SER B 266 -29.90 24.97 3.93
C SER B 266 -28.79 25.75 4.62
N LEU B 267 -27.67 25.88 3.93
CA LEU B 267 -26.53 26.66 4.41
C LEU B 267 -26.24 27.80 3.44
N GLN B 268 -25.78 28.92 3.98
CA GLN B 268 -25.33 30.02 3.15
C GLN B 268 -23.81 30.09 3.13
N LEU B 269 -23.24 29.78 1.97
CA LEU B 269 -21.79 29.70 1.84
C LEU B 269 -21.23 30.84 1.00
N PRO B 270 -20.34 31.64 1.59
CA PRO B 270 -19.63 32.77 0.98
C PRO B 270 -18.72 32.32 -0.16
N LEU B 271 -19.22 32.26 -1.38
CA LEU B 271 -18.47 31.63 -2.47
C LEU B 271 -17.62 32.56 -3.36
N ALA B 272 -17.71 33.86 -3.15
CA ALA B 272 -17.16 34.82 -4.11
C ALA B 272 -15.67 34.64 -4.43
N VAL B 273 -14.87 34.31 -3.43
CA VAL B 273 -13.44 34.15 -3.64
C VAL B 273 -13.13 32.93 -4.48
N LEU B 274 -13.91 31.88 -4.27
CA LEU B 274 -13.80 30.66 -5.06
C LEU B 274 -14.23 30.93 -6.50
N ALA B 275 -15.36 31.60 -6.68
CA ALA B 275 -15.80 31.93 -8.03
C ALA B 275 -14.74 32.79 -8.72
N GLU B 276 -14.19 33.77 -8.01
CA GLU B 276 -13.12 34.61 -8.55
C GLU B 276 -12.00 33.72 -9.08
N ALA B 277 -11.50 32.84 -8.22
CA ALA B 277 -10.42 31.93 -8.57
C ALA B 277 -10.80 31.01 -9.70
N ALA B 278 -12.06 30.58 -9.71
CA ALA B 278 -12.54 29.71 -10.78
C ALA B 278 -12.47 30.40 -12.15
N ALA B 279 -12.96 31.63 -12.22
CA ALA B 279 -12.96 32.38 -13.49
C ALA B 279 -11.53 32.68 -13.95
N GLU B 280 -10.65 32.95 -13.00
CA GLU B 280 -9.24 33.15 -13.30
C GLU B 280 -8.64 31.92 -14.00
N VAL B 281 -8.90 30.74 -13.45
CA VAL B 281 -8.42 29.49 -14.06
C VAL B 281 -9.08 29.23 -15.40
N GLN B 282 -10.38 29.50 -15.49
CA GLN B 282 -11.09 29.36 -16.75
C GLN B 282 -10.41 30.17 -17.85
N ALA B 283 -10.08 31.42 -17.52
CA ALA B 283 -9.43 32.32 -18.46
C ALA B 283 -8.10 31.76 -18.96
N LYS B 284 -7.36 31.13 -18.07
CA LYS B 284 -6.06 30.59 -18.41
C LYS B 284 -6.18 29.34 -19.29
N ILE B 285 -7.20 28.53 -19.04
CA ILE B 285 -7.43 27.32 -19.82
C ILE B 285 -7.90 27.64 -21.23
N ASP B 286 -8.72 28.67 -21.35
CA ASP B 286 -9.13 29.17 -22.65
C ASP B 286 -7.89 29.50 -23.49
N GLU B 287 -6.90 30.10 -22.84
CA GLU B 287 -5.68 30.54 -23.52
C GLU B 287 -4.81 29.39 -24.00
N GLN B 288 -4.68 28.36 -23.18
CA GLN B 288 -3.89 27.20 -23.59
C GLN B 288 -4.54 26.47 -24.77
N VAL B 289 -5.85 26.64 -24.94
CA VAL B 289 -6.57 25.98 -26.01
C VAL B 289 -6.59 26.80 -27.29
N GLN B 290 -6.92 28.09 -27.17
CA GLN B 290 -6.90 28.99 -28.33
C GLN B 290 -5.47 29.24 -28.79
N ALA B 291 -4.54 28.41 -28.32
CA ALA B 291 -3.14 28.51 -28.72
C ALA B 291 -2.74 27.25 -29.48
N SER B 292 -3.38 26.13 -29.14
CA SER B 292 -3.08 24.86 -29.78
C SER B 292 -4.23 24.37 -30.65
N ALA B 293 -4.08 24.54 -31.96
CA ALA B 293 -5.10 24.06 -32.90
C ALA B 293 -5.51 22.62 -32.58
N GLU B 294 -4.53 21.80 -32.19
CA GLU B 294 -4.80 20.42 -31.81
C GLU B 294 -5.86 20.31 -30.72
N VAL B 295 -5.58 20.95 -29.59
CA VAL B 295 -6.48 20.89 -28.43
C VAL B 295 -7.88 21.39 -28.74
N ALA B 296 -7.97 22.53 -29.42
CA ALA B 296 -9.25 23.17 -29.67
C ALA B 296 -10.26 22.26 -30.36
N GLN B 297 -9.80 21.44 -31.29
CA GLN B 297 -10.69 20.53 -31.99
C GLN B 297 -11.26 19.52 -31.00
N VAL B 298 -10.39 19.05 -30.11
CA VAL B 298 -10.79 18.12 -29.06
C VAL B 298 -11.89 18.72 -28.21
N VAL B 299 -11.73 19.99 -27.84
CA VAL B 299 -12.71 20.70 -27.05
C VAL B 299 -13.98 20.99 -27.86
N ALA B 300 -13.80 21.48 -29.07
CA ALA B 300 -14.94 21.75 -29.94
C ALA B 300 -15.74 20.48 -30.16
N ALA B 301 -15.06 19.37 -30.43
CA ALA B 301 -15.72 18.10 -30.62
C ALA B 301 -16.54 17.72 -29.39
N LEU B 302 -16.02 18.07 -28.22
CA LEU B 302 -16.69 17.77 -26.95
C LEU B 302 -17.88 18.69 -26.74
N GLU B 303 -17.75 19.95 -27.15
CA GLU B 303 -18.87 20.89 -27.11
C GLU B 303 -20.03 20.34 -27.96
N ARG B 304 -19.72 19.88 -29.16
CA ARG B 304 -20.74 19.35 -30.08
C ARG B 304 -21.50 18.22 -29.41
N GLN B 305 -20.78 17.26 -28.83
CA GLN B 305 -21.39 16.14 -28.13
C GLN B 305 -22.18 16.56 -26.89
N TYR B 306 -21.68 17.56 -26.17
CA TYR B 306 -22.36 18.05 -24.97
C TYR B 306 -23.75 18.54 -25.32
N ASP B 307 -23.84 19.28 -26.43
CA ASP B 307 -25.09 19.86 -26.87
C ASP B 307 -26.13 18.81 -27.30
N ALA B 308 -25.65 17.67 -27.79
CA ALA B 308 -26.54 16.58 -28.22
C ALA B 308 -27.26 15.91 -27.05
N PHE B 309 -26.51 15.61 -25.99
CA PHE B 309 -27.05 14.98 -24.79
C PHE B 309 -28.14 15.86 -24.18
N ILE B 310 -27.89 17.17 -24.17
CA ILE B 310 -28.85 18.14 -23.63
C ILE B 310 -30.18 18.10 -24.39
N ASP B 311 -30.12 17.75 -25.67
CA ASP B 311 -31.33 17.57 -26.47
C ASP B 311 -32.01 16.25 -26.10
N ALA B 312 -32.58 16.20 -24.90
CA ALA B 312 -33.28 15.02 -24.38
C ALA B 312 -33.95 15.31 -23.05
N GLY B 332 -23.43 5.81 -17.54
CA GLY B 332 -23.37 4.67 -16.63
C GLY B 332 -22.13 3.81 -16.85
N ALA B 333 -21.90 3.42 -18.11
CA ALA B 333 -20.74 2.60 -18.46
C ALA B 333 -19.48 3.45 -18.54
N GLU B 334 -19.65 4.72 -18.88
CA GLU B 334 -18.54 5.67 -18.94
C GLU B 334 -18.14 6.07 -17.52
N PHE B 335 -19.13 6.09 -16.63
CA PHE B 335 -18.92 6.34 -15.21
C PHE B 335 -18.11 5.21 -14.57
N GLU B 336 -18.41 3.99 -14.98
CA GLU B 336 -17.76 2.79 -14.45
C GLU B 336 -16.30 2.68 -14.89
N ARG B 337 -16.03 3.07 -16.14
CA ARG B 337 -14.68 2.99 -16.69
C ARG B 337 -13.76 4.06 -16.10
N PHE B 338 -14.28 5.26 -15.89
CA PHE B 338 -13.50 6.39 -15.38
C PHE B 338 -13.19 6.32 -13.89
N LEU B 339 -14.15 5.82 -13.10
CA LEU B 339 -13.95 5.65 -11.66
C LEU B 339 -12.89 4.59 -11.34
N ALA B 340 -12.99 3.44 -12.00
CA ALA B 340 -12.08 2.33 -11.77
C ALA B 340 -10.62 2.70 -12.05
N GLN B 341 -10.41 3.56 -13.04
CA GLN B 341 -9.05 4.02 -13.38
C GLN B 341 -8.50 4.91 -12.27
N GLN B 342 -9.34 5.80 -11.76
CA GLN B 342 -8.95 6.75 -10.71
C GLN B 342 -8.66 6.09 -9.37
N ALA B 343 -9.34 4.97 -9.12
CA ALA B 343 -9.27 4.26 -7.84
C ALA B 343 -7.95 3.52 -7.59
N GLU B 344 -7.05 3.53 -8.58
CA GLU B 344 -5.80 2.77 -8.48
C GLU B 344 -4.65 3.61 -7.92
N ALA C 38 -19.16 -5.31 32.37
CA ALA C 38 -20.58 -5.13 31.99
C ALA C 38 -20.86 -5.31 30.48
N ARG C 39 -19.87 -5.04 29.63
CA ARG C 39 -20.03 -5.20 28.18
C ARG C 39 -19.39 -6.52 27.68
N GLU C 40 -20.18 -7.30 26.94
CA GLU C 40 -19.77 -8.63 26.48
C GLU C 40 -18.63 -8.62 25.46
N TYR C 41 -17.57 -9.35 25.78
CA TYR C 41 -16.37 -9.43 24.95
C TYR C 41 -16.19 -10.84 24.37
N GLU C 42 -16.17 -10.93 23.04
CA GLU C 42 -15.97 -12.19 22.32
C GLU C 42 -14.50 -12.67 22.33
N PRO C 43 -14.26 -13.91 22.77
CA PRO C 43 -12.91 -14.41 23.04
C PRO C 43 -12.08 -14.61 21.78
N GLY C 44 -10.77 -14.39 21.88
CA GLY C 44 -9.90 -14.60 20.75
C GLY C 44 -8.51 -14.05 20.96
N GLN C 45 -7.93 -13.55 19.88
CA GLN C 45 -6.73 -12.73 19.94
C GLN C 45 -7.05 -11.32 19.42
N PRO C 46 -7.11 -10.34 20.32
CA PRO C 46 -7.51 -8.98 19.96
C PRO C 46 -6.69 -8.44 18.79
N GLY C 47 -7.38 -7.85 17.82
CA GLY C 47 -6.73 -7.30 16.65
C GLY C 47 -6.34 -8.35 15.63
N MET C 48 -6.70 -9.61 15.88
CA MET C 48 -6.37 -10.69 14.96
C MET C 48 -7.54 -11.65 14.67
N TYR C 49 -8.22 -12.14 15.70
CA TYR C 49 -9.38 -12.99 15.45
C TYR C 49 -10.34 -13.12 16.63
N GLU C 50 -11.63 -13.29 16.32
CA GLU C 50 -12.62 -13.75 17.28
C GLU C 50 -12.95 -15.22 17.04
N LEU C 51 -12.91 -16.02 18.09
CA LEU C 51 -13.39 -17.39 18.02
C LEU C 51 -14.91 -17.41 17.89
N GLU C 52 -15.44 -18.29 17.05
CA GLU C 52 -16.86 -18.59 17.10
C GLU C 52 -17.03 -19.74 18.10
N PHE C 53 -17.16 -19.37 19.37
CA PHE C 53 -17.02 -20.30 20.48
C PHE C 53 -18.37 -20.88 20.89
N PRO C 54 -18.46 -22.22 20.92
CA PRO C 54 -17.36 -23.17 20.78
C PRO C 54 -17.19 -23.72 19.38
N ALA C 55 -15.98 -24.19 19.08
CA ALA C 55 -15.72 -24.93 17.85
C ALA C 55 -16.51 -26.24 17.87
N PRO C 56 -16.76 -26.80 16.67
CA PRO C 56 -17.28 -28.16 16.62
C PRO C 56 -16.19 -29.17 16.97
N GLN C 57 -16.58 -30.44 17.10
CA GLN C 57 -15.61 -31.52 17.23
C GLN C 57 -14.79 -31.62 15.93
N LEU C 58 -13.49 -31.87 16.06
CA LEU C 58 -12.63 -31.89 14.87
C LEU C 58 -11.81 -33.15 14.71
N SER C 59 -12.07 -34.13 15.54
CA SER C 59 -11.42 -35.42 15.41
C SER C 59 -12.36 -36.44 14.79
N SER C 60 -11.82 -37.29 13.93
CA SER C 60 -12.61 -38.32 13.29
C SER C 60 -12.87 -39.44 14.29
N SER C 61 -13.72 -40.39 13.89
CA SER C 61 -13.96 -41.60 14.69
C SER C 61 -12.62 -42.22 14.97
N ASP C 62 -11.83 -42.33 13.90
CA ASP C 62 -10.43 -42.72 13.96
C ASP C 62 -9.73 -42.16 15.21
N GLY C 63 -10.04 -40.91 15.55
CA GLY C 63 -9.35 -40.21 16.61
C GLY C 63 -8.21 -39.40 16.01
N ARG C 64 -8.01 -39.57 14.71
CA ARG C 64 -6.95 -38.89 13.98
C ARG C 64 -7.27 -37.39 13.83
N GLY C 65 -6.23 -36.57 13.65
CA GLY C 65 -6.42 -35.14 13.51
C GLY C 65 -6.88 -34.70 12.14
N PRO C 66 -7.49 -33.51 12.08
CA PRO C 66 -8.04 -32.97 10.84
C PRO C 66 -6.96 -32.51 9.87
N VAL C 67 -7.30 -32.55 8.59
CA VAL C 67 -6.52 -31.91 7.55
C VAL C 67 -6.88 -30.42 7.53
N LEU C 68 -5.90 -29.56 7.25
CA LEU C 68 -6.16 -28.11 7.09
C LEU C 68 -5.91 -27.66 5.64
N VAL C 69 -6.94 -27.09 5.03
CA VAL C 69 -6.83 -26.57 3.68
C VAL C 69 -6.79 -25.04 3.72
N HIS C 70 -5.86 -24.43 2.98
CA HIS C 70 -5.86 -22.98 2.85
C HIS C 70 -6.00 -22.47 1.42
N ALA C 71 -6.88 -21.48 1.26
CA ALA C 71 -7.30 -20.98 -0.04
C ALA C 71 -7.46 -19.46 0.01
N LEU C 72 -6.36 -18.76 -0.18
CA LEU C 72 -6.35 -17.30 -0.10
C LEU C 72 -6.30 -16.61 -1.47
N GLU C 73 -7.07 -15.54 -1.62
CA GLU C 73 -7.12 -14.81 -2.89
C GLU C 73 -6.33 -13.51 -2.82
N GLY C 74 -5.73 -13.13 -3.93
CA GLY C 74 -4.99 -11.89 -3.98
C GLY C 74 -3.54 -12.06 -4.40
N PHE C 75 -3.08 -13.30 -4.50
CA PHE C 75 -1.73 -13.57 -4.95
C PHE C 75 -1.75 -13.93 -6.43
N SER C 76 -2.34 -15.09 -6.74
CA SER C 76 -2.57 -15.48 -8.12
C SER C 76 -3.88 -16.21 -8.22
N ASP C 77 -4.77 -15.69 -9.06
CA ASP C 77 -6.17 -16.15 -9.09
C ASP C 77 -6.70 -16.46 -10.48
N ALA C 78 -5.82 -16.96 -11.36
CA ALA C 78 -6.23 -17.33 -12.70
C ALA C 78 -7.43 -18.26 -12.64
N GLY C 79 -8.43 -17.97 -13.48
CA GLY C 79 -9.63 -18.78 -13.52
C GLY C 79 -10.50 -18.61 -12.30
N HIS C 80 -10.08 -17.74 -11.37
CA HIS C 80 -10.75 -17.57 -10.08
C HIS C 80 -10.89 -18.91 -9.35
N ALA C 81 -9.89 -19.76 -9.54
CA ALA C 81 -10.02 -21.14 -9.17
C ALA C 81 -9.97 -21.33 -7.66
N ILE C 82 -9.23 -20.45 -6.98
CA ILE C 82 -9.17 -20.49 -5.53
C ILE C 82 -10.46 -20.02 -4.85
N ARG C 83 -11.04 -18.93 -5.31
CA ARG C 83 -12.35 -18.54 -4.81
C ARG C 83 -13.39 -19.63 -5.05
N LEU C 84 -13.43 -20.13 -6.29
CA LEU C 84 -14.42 -21.13 -6.67
C LEU C 84 -14.32 -22.41 -5.85
N ALA C 85 -13.09 -22.89 -5.65
CA ALA C 85 -12.91 -24.12 -4.88
C ALA C 85 -13.36 -23.93 -3.44
N ALA C 86 -13.00 -22.81 -2.83
CA ALA C 86 -13.39 -22.54 -1.45
C ALA C 86 -14.91 -22.37 -1.33
N ALA C 87 -15.47 -21.59 -2.25
CA ALA C 87 -16.92 -21.37 -2.24
C ALA C 87 -17.67 -22.70 -2.34
N HIS C 88 -17.18 -23.61 -3.17
CA HIS C 88 -17.87 -24.89 -3.33
C HIS C 88 -17.87 -25.72 -2.06
N LEU C 89 -16.72 -25.82 -1.41
CA LEU C 89 -16.60 -26.60 -0.19
C LEU C 89 -17.57 -26.08 0.86
N LYS C 90 -17.68 -24.77 0.98
CA LYS C 90 -18.56 -24.16 1.96
C LYS C 90 -20.04 -24.34 1.60
N ALA C 91 -20.35 -24.38 0.31
CA ALA C 91 -21.72 -24.54 -0.14
C ALA C 91 -22.20 -26.00 -0.10
N ALA C 92 -21.31 -26.94 -0.38
CA ALA C 92 -21.72 -28.34 -0.53
C ALA C 92 -21.60 -29.19 0.74
N LEU C 93 -20.87 -28.69 1.73
CA LEU C 93 -20.67 -29.43 2.98
C LEU C 93 -21.18 -28.68 4.20
N ASP C 94 -21.35 -29.38 5.32
CA ASP C 94 -21.67 -28.73 6.58
C ASP C 94 -20.51 -27.87 7.02
N THR C 95 -20.78 -26.58 7.22
CA THR C 95 -19.73 -25.60 7.48
C THR C 95 -20.03 -24.77 8.73
N GLU C 96 -19.08 -24.74 9.66
CA GLU C 96 -19.17 -23.92 10.85
C GLU C 96 -17.95 -23.02 10.99
N LEU C 97 -18.20 -21.75 11.30
CA LEU C 97 -17.13 -20.79 11.51
C LEU C 97 -16.40 -21.10 12.82
N VAL C 98 -15.08 -21.14 12.76
CA VAL C 98 -14.28 -21.38 13.95
C VAL C 98 -13.59 -20.09 14.39
N ALA C 99 -13.15 -19.28 13.42
CA ALA C 99 -12.50 -18.00 13.73
C ALA C 99 -12.70 -16.98 12.63
N SER C 100 -12.98 -15.74 13.02
CA SER C 100 -13.03 -14.62 12.08
C SER C 100 -11.81 -13.78 12.30
N PHE C 101 -11.00 -13.63 11.26
CA PHE C 101 -9.82 -12.79 11.36
C PHE C 101 -10.21 -11.31 11.19
N ALA C 102 -9.57 -10.45 11.97
CA ALA C 102 -9.80 -9.01 11.90
C ALA C 102 -9.41 -8.45 10.54
N ILE C 103 -10.21 -8.75 9.52
CA ILE C 103 -9.86 -8.40 8.14
C ILE C 103 -9.70 -6.89 7.99
N ASP C 104 -10.38 -6.14 8.85
CA ASP C 104 -10.33 -4.70 8.82
C ASP C 104 -8.99 -4.19 9.35
N GLU C 105 -8.31 -5.04 10.12
CA GLU C 105 -6.98 -4.71 10.62
C GLU C 105 -5.88 -5.24 9.67
N LEU C 106 -6.27 -6.01 8.66
CA LEU C 106 -5.32 -6.73 7.81
C LEU C 106 -5.31 -6.25 6.36
N LEU C 107 -6.29 -5.41 6.01
CA LEU C 107 -6.53 -5.05 4.62
C LEU C 107 -6.12 -3.61 4.26
N ASP C 108 -5.50 -3.45 3.09
CA ASP C 108 -5.27 -2.14 2.50
C ASP C 108 -6.44 -1.83 1.56
N TYR C 109 -7.42 -1.09 2.07
CA TYR C 109 -8.65 -0.85 1.33
C TYR C 109 -8.42 -0.03 0.08
N ARG C 110 -7.41 0.83 0.07
CA ARG C 110 -7.18 1.62 -1.12
C ARG C 110 -6.59 0.80 -2.28
N SER C 111 -5.88 -0.28 -1.96
CA SER C 111 -5.40 -1.20 -2.98
C SER C 111 -6.49 -2.13 -3.44
N ARG C 112 -7.35 -2.56 -2.54
CA ARG C 112 -8.41 -3.50 -2.92
C ARG C 112 -9.76 -2.97 -2.54
N ARG C 113 -10.18 -1.93 -3.24
CA ARG C 113 -11.44 -1.30 -2.94
C ARG C 113 -12.59 -2.28 -3.17
N PRO C 114 -13.25 -2.68 -2.07
CA PRO C 114 -14.39 -3.59 -2.17
C PRO C 114 -15.47 -3.02 -3.07
N LEU C 115 -16.04 -3.87 -3.91
CA LEU C 115 -17.01 -3.45 -4.89
C LEU C 115 -18.31 -3.01 -4.23
N MET C 116 -18.86 -1.91 -4.70
CA MET C 116 -20.18 -1.46 -4.26
C MET C 116 -21.14 -1.50 -5.44
N THR C 117 -22.38 -1.87 -5.16
CA THR C 117 -23.43 -1.89 -6.17
C THR C 117 -24.24 -0.61 -6.15
N PHE C 118 -24.30 0.04 -7.31
CA PHE C 118 -25.05 1.27 -7.47
C PHE C 118 -26.20 1.06 -8.45
N LYS C 119 -27.43 1.23 -7.97
CA LYS C 119 -28.60 1.01 -8.81
C LYS C 119 -29.46 2.28 -8.90
N THR C 120 -29.40 2.93 -10.07
CA THR C 120 -30.16 4.15 -10.37
C THR C 120 -29.62 5.42 -9.69
N ASP C 121 -29.92 5.58 -8.40
CA ASP C 121 -29.50 6.76 -7.66
C ASP C 121 -29.10 6.49 -6.20
N HIS C 122 -28.66 5.26 -5.92
CA HIS C 122 -28.16 4.95 -4.58
C HIS C 122 -27.37 3.66 -4.54
N PHE C 123 -26.73 3.42 -3.40
CA PHE C 123 -25.95 2.21 -3.20
C PHE C 123 -26.81 1.11 -2.56
N THR C 124 -26.75 -0.09 -3.13
CA THR C 124 -27.60 -1.18 -2.66
C THR C 124 -26.80 -2.32 -2.07
N HIS C 125 -25.49 -2.25 -2.18
CA HIS C 125 -24.69 -3.39 -1.72
C HIS C 125 -23.19 -3.10 -1.61
N SER C 126 -22.56 -3.73 -0.63
CA SER C 126 -21.11 -3.73 -0.54
C SER C 126 -20.60 -5.15 -0.48
N ASP C 127 -19.59 -5.43 -1.30
CA ASP C 127 -18.98 -6.73 -1.33
C ASP C 127 -17.95 -6.77 -0.20
N ASP C 128 -18.38 -7.26 0.96
CA ASP C 128 -17.55 -7.20 2.17
C ASP C 128 -16.50 -8.30 2.24
N PRO C 129 -15.24 -7.92 2.49
CA PRO C 129 -14.10 -8.85 2.57
C PRO C 129 -14.18 -9.76 3.81
N GLU C 130 -13.78 -11.02 3.64
CA GLU C 130 -13.77 -11.98 4.72
C GLU C 130 -12.44 -12.73 4.81
N LEU C 131 -12.01 -13.06 6.03
CA LEU C 131 -10.88 -13.96 6.21
C LEU C 131 -11.17 -14.84 7.40
N SER C 132 -11.37 -16.13 7.13
CA SER C 132 -11.94 -17.05 8.13
C SER C 132 -11.31 -18.42 8.15
N LEU C 133 -11.36 -19.02 9.32
CA LEU C 133 -11.06 -20.44 9.50
C LEU C 133 -12.35 -21.20 9.77
N TYR C 134 -12.69 -22.14 8.88
CA TYR C 134 -13.92 -22.90 9.00
C TYR C 134 -13.66 -24.34 9.36
N ALA C 135 -14.64 -24.97 10.01
CA ALA C 135 -14.61 -26.42 10.23
C ALA C 135 -15.66 -27.11 9.36
N LEU C 136 -15.27 -28.16 8.67
CA LEU C 136 -16.17 -28.82 7.73
C LEU C 136 -16.24 -30.32 8.00
N ARG C 137 -17.33 -30.93 7.57
CA ARG C 137 -17.40 -32.38 7.56
C ARG C 137 -17.56 -32.86 6.12
N ASP C 138 -16.81 -33.88 5.74
CA ASP C 138 -16.89 -34.41 4.37
C ASP C 138 -18.12 -35.30 4.20
N SER C 139 -18.20 -36.01 3.08
CA SER C 139 -19.43 -36.72 2.78
C SER C 139 -19.70 -37.92 3.69
N ILE C 140 -18.70 -38.39 4.44
CA ILE C 140 -18.93 -39.44 5.43
C ILE C 140 -18.72 -38.93 6.85
N GLY C 141 -18.58 -37.62 6.99
CA GLY C 141 -18.52 -37.00 8.31
C GLY C 141 -17.12 -36.78 8.86
N THR C 142 -16.08 -37.08 8.07
CA THR C 142 -14.72 -36.78 8.50
C THR C 142 -14.55 -35.27 8.59
N PRO C 143 -14.09 -34.78 9.75
CA PRO C 143 -13.97 -33.33 9.94
C PRO C 143 -12.66 -32.83 9.35
N PHE C 144 -12.70 -31.62 8.80
CA PHE C 144 -11.48 -30.95 8.37
C PHE C 144 -11.61 -29.45 8.48
N LEU C 145 -10.50 -28.74 8.24
CA LEU C 145 -10.51 -27.30 8.40
C LEU C 145 -10.26 -26.63 7.07
N LEU C 146 -10.82 -25.44 6.92
CA LEU C 146 -10.60 -24.64 5.73
C LEU C 146 -10.31 -23.19 6.13
N LEU C 147 -9.12 -22.72 5.74
CA LEU C 147 -8.76 -21.31 5.86
C LEU C 147 -9.01 -20.65 4.51
N ALA C 148 -9.94 -19.69 4.44
CA ALA C 148 -10.32 -19.09 3.15
C ALA C 148 -10.65 -17.61 3.24
N GLY C 149 -10.54 -16.90 2.12
CA GLY C 149 -10.77 -15.46 2.11
C GLY C 149 -9.66 -14.69 1.42
N LEU C 150 -9.55 -13.39 1.73
CA LEU C 150 -8.53 -12.57 1.11
C LEU C 150 -7.17 -12.83 1.77
N GLU C 151 -6.13 -12.87 0.95
CA GLU C 151 -4.76 -12.78 1.42
C GLU C 151 -4.62 -11.46 2.16
N PRO C 152 -4.14 -11.48 3.41
CA PRO C 152 -3.97 -10.18 4.10
C PRO C 152 -2.86 -9.34 3.46
N ASP C 153 -2.94 -8.02 3.60
CA ASP C 153 -1.87 -7.11 3.16
C ASP C 153 -0.84 -6.95 4.26
N LEU C 154 -1.31 -7.03 5.50
CA LEU C 154 -0.48 -6.69 6.65
C LEU C 154 -0.27 -7.84 7.63
N LYS C 155 0.73 -7.68 8.48
CA LYS C 155 0.99 -8.57 9.62
C LYS C 155 1.03 -10.05 9.30
N TRP C 156 1.76 -10.43 8.25
CA TRP C 156 1.83 -11.83 7.87
C TRP C 156 2.34 -12.72 9.01
N GLU C 157 3.34 -12.26 9.78
CA GLU C 157 3.94 -13.16 10.78
C GLU C 157 2.93 -13.42 11.88
N ARG C 158 2.33 -12.34 12.35
CA ARG C 158 1.36 -12.43 13.41
C ARG C 158 0.14 -13.25 12.98
N PHE C 159 -0.29 -13.04 11.74
CA PHE C 159 -1.35 -13.87 11.13
C PHE C 159 -0.96 -15.35 11.10
N ILE C 160 0.19 -15.64 10.50
CA ILE C 160 0.68 -17.01 10.37
C ILE C 160 0.88 -17.74 11.70
N THR C 161 1.32 -17.00 12.72
CA THR C 161 1.43 -17.57 14.06
C THR C 161 0.06 -17.92 14.66
N ALA C 162 -0.92 -17.06 14.46
CA ALA C 162 -2.28 -17.38 14.86
C ALA C 162 -2.82 -18.64 14.14
N VAL C 163 -2.61 -18.75 12.82
CA VAL C 163 -3.08 -19.94 12.11
C VAL C 163 -2.39 -21.19 12.66
N ARG C 164 -1.07 -21.10 12.82
CA ARG C 164 -0.30 -22.21 13.34
C ARG C 164 -0.77 -22.62 14.73
N LEU C 165 -1.06 -21.63 15.58
CA LEU C 165 -1.45 -21.93 16.95
C LEU C 165 -2.81 -22.62 17.00
N LEU C 166 -3.74 -22.15 16.18
CA LEU C 166 -5.04 -22.80 16.06
C LEU C 166 -4.94 -24.20 15.45
N ALA C 167 -4.08 -24.36 14.44
CA ALA C 167 -3.88 -25.67 13.82
C ALA C 167 -3.33 -26.68 14.85
N GLU C 168 -2.36 -26.24 15.63
CA GLU C 168 -1.78 -27.12 16.63
C GLU C 168 -2.82 -27.53 17.68
N ARG C 169 -3.51 -26.55 18.26
CA ARG C 169 -4.54 -26.83 19.26
C ARG C 169 -5.60 -27.78 18.72
N LEU C 170 -5.88 -27.68 17.43
CA LEU C 170 -6.94 -28.50 16.85
C LEU C 170 -6.39 -29.84 16.34
N GLY C 171 -5.09 -30.02 16.49
CA GLY C 171 -4.45 -31.29 16.17
C GLY C 171 -4.30 -31.54 14.68
N VAL C 172 -4.02 -30.48 13.92
CA VAL C 172 -3.85 -30.59 12.47
C VAL C 172 -2.72 -31.57 12.14
N ARG C 173 -3.00 -32.48 11.20
CA ARG C 173 -2.04 -33.51 10.85
C ARG C 173 -1.38 -33.29 9.49
N GLN C 174 -1.98 -32.43 8.69
CA GLN C 174 -1.50 -32.19 7.35
C GLN C 174 -2.09 -30.88 6.88
N THR C 175 -1.29 -30.09 6.16
CA THR C 175 -1.71 -28.77 5.74
C THR C 175 -1.56 -28.65 4.24
N ILE C 176 -2.66 -28.34 3.54
CA ILE C 176 -2.72 -28.39 2.09
C ILE C 176 -3.04 -27.02 1.48
N GLY C 177 -2.14 -26.52 0.65
CA GLY C 177 -2.26 -25.21 0.01
C GLY C 177 -2.81 -25.25 -1.41
N LEU C 178 -3.63 -24.26 -1.75
CA LEU C 178 -4.15 -24.12 -3.11
C LEU C 178 -3.56 -22.93 -3.85
N GLY C 179 -3.31 -23.12 -5.13
CA GLY C 179 -2.79 -22.05 -5.98
C GLY C 179 -3.12 -22.25 -7.46
N THR C 180 -3.14 -21.14 -8.20
CA THR C 180 -3.38 -21.15 -9.63
C THR C 180 -2.31 -20.30 -10.28
N VAL C 181 -1.93 -20.66 -11.49
CA VAL C 181 -1.11 -19.80 -12.33
C VAL C 181 -1.54 -19.93 -13.79
N PRO C 182 -1.44 -18.84 -14.55
CA PRO C 182 -1.64 -18.81 -15.99
C PRO C 182 -0.52 -19.58 -16.68
N MET C 183 -0.84 -20.29 -17.76
CA MET C 183 0.19 -20.91 -18.60
C MET C 183 -0.25 -20.86 -20.04
N ALA C 184 0.72 -20.87 -20.94
CA ALA C 184 0.44 -21.00 -22.35
C ALA C 184 0.02 -22.43 -22.62
N VAL C 185 -1.24 -22.72 -22.33
CA VAL C 185 -1.75 -24.08 -22.43
C VAL C 185 -3.22 -24.01 -22.85
N PRO C 186 -3.69 -25.00 -23.64
CA PRO C 186 -5.06 -24.91 -24.16
C PRO C 186 -6.07 -25.52 -23.20
N HIS C 187 -7.32 -25.06 -23.25
CA HIS C 187 -8.36 -25.62 -22.40
C HIS C 187 -8.78 -26.99 -22.90
N THR C 188 -8.26 -27.40 -24.06
CA THR C 188 -8.67 -28.66 -24.68
C THR C 188 -7.66 -29.76 -24.41
N ARG C 189 -6.80 -29.53 -23.44
CA ARG C 189 -5.84 -30.54 -23.01
C ARG C 189 -6.04 -30.75 -21.52
N PRO C 190 -5.57 -31.88 -21.00
CA PRO C 190 -5.74 -32.25 -19.59
C PRO C 190 -5.16 -31.18 -18.69
N ILE C 191 -5.83 -30.91 -17.57
CA ILE C 191 -5.38 -29.84 -16.70
C ILE C 191 -4.09 -30.20 -15.93
N THR C 192 -3.04 -29.44 -16.21
CA THR C 192 -1.76 -29.59 -15.54
C THR C 192 -1.78 -29.01 -14.13
N MET C 193 -1.11 -29.67 -13.19
CA MET C 193 -0.82 -29.00 -11.94
C MET C 193 0.51 -29.41 -11.28
N THR C 194 1.14 -28.44 -10.64
CA THR C 194 2.42 -28.66 -10.01
C THR C 194 2.26 -28.74 -8.50
N ALA C 195 3.10 -29.55 -7.87
CA ALA C 195 2.99 -29.83 -6.46
C ALA C 195 4.29 -29.55 -5.71
N HIS C 196 4.16 -29.15 -4.46
CA HIS C 196 5.31 -29.02 -3.57
C HIS C 196 5.00 -29.60 -2.19
N SER C 197 6.05 -29.96 -1.47
CA SER C 197 5.89 -30.60 -0.17
C SER C 197 7.22 -30.82 0.53
N ASN C 198 7.18 -30.82 1.87
CA ASN C 198 8.37 -31.10 2.64
C ASN C 198 8.51 -32.62 2.83
N ASN C 199 7.53 -33.35 2.30
CA ASN C 199 7.51 -34.80 2.28
C ASN C 199 7.30 -35.33 0.87
N ARG C 200 8.37 -35.81 0.25
CA ARG C 200 8.35 -36.23 -1.17
C ARG C 200 7.42 -37.44 -1.47
N GLU C 201 7.07 -38.20 -0.44
CA GLU C 201 6.14 -39.30 -0.63
C GLU C 201 4.71 -38.85 -0.95
N LEU C 202 4.37 -37.63 -0.56
CA LEU C 202 3.02 -37.09 -0.82
C LEU C 202 2.85 -36.55 -2.25
N ILE C 203 3.96 -36.36 -2.95
CA ILE C 203 3.92 -35.84 -4.30
C ILE C 203 4.62 -36.75 -5.29
N SER C 204 4.68 -38.05 -4.96
CA SER C 204 5.37 -39.06 -5.76
C SER C 204 4.80 -39.22 -7.16
N ASP C 205 3.59 -38.70 -7.35
CA ASP C 205 2.91 -38.80 -8.63
C ASP C 205 3.33 -37.69 -9.58
N PHE C 206 4.05 -36.70 -9.07
CA PHE C 206 4.43 -35.54 -9.89
C PHE C 206 5.90 -35.59 -10.32
N GLN C 207 6.18 -35.04 -11.49
CA GLN C 207 7.53 -35.06 -12.05
C GLN C 207 8.12 -33.66 -12.06
N PRO C 208 8.72 -33.25 -10.95
CA PRO C 208 9.19 -31.87 -10.74
C PRO C 208 10.16 -31.41 -11.82
N SER C 209 9.66 -30.61 -12.75
CA SER C 209 10.49 -30.02 -13.80
C SER C 209 11.05 -28.68 -13.35
N ILE C 210 11.48 -28.61 -12.08
CA ILE C 210 11.98 -27.37 -11.51
C ILE C 210 13.29 -27.58 -10.76
N SER C 211 13.93 -26.46 -10.41
CA SER C 211 15.20 -26.44 -9.71
C SER C 211 15.41 -24.99 -9.28
N GLU C 212 16.24 -24.77 -8.27
CA GLU C 212 16.33 -23.46 -7.56
C GLU C 212 15.87 -22.19 -8.29
N ILE C 213 14.85 -21.55 -7.72
CA ILE C 213 14.40 -20.22 -8.14
C ILE C 213 14.03 -19.36 -6.93
N GLN C 214 14.12 -18.05 -7.09
CA GLN C 214 13.61 -17.09 -6.12
C GLN C 214 12.28 -16.56 -6.62
N VAL C 215 11.26 -16.64 -5.78
CA VAL C 215 9.95 -16.14 -6.15
C VAL C 215 9.43 -15.28 -5.02
N PRO C 216 8.59 -14.29 -5.36
CA PRO C 216 7.91 -13.44 -4.37
C PRO C 216 6.96 -14.31 -3.57
N GLY C 217 7.02 -14.20 -2.25
CA GLY C 217 6.21 -15.02 -1.38
C GLY C 217 4.74 -14.60 -1.36
N SER C 218 3.88 -15.53 -0.98
CA SER C 218 2.48 -15.21 -0.74
C SER C 218 2.18 -15.63 0.69
N ALA C 219 1.15 -15.02 1.29
CA ALA C 219 0.73 -15.45 2.62
C ALA C 219 0.62 -16.97 2.72
N SER C 220 0.05 -17.61 1.70
CA SER C 220 -0.10 -19.06 1.69
C SER C 220 1.26 -19.77 1.66
N ASN C 221 2.15 -19.28 0.80
CA ASN C 221 3.50 -19.86 0.69
C ASN C 221 4.23 -19.73 2.00
N LEU C 222 4.08 -18.58 2.65
CA LEU C 222 4.81 -18.34 3.89
C LEU C 222 4.21 -19.16 5.03
N LEU C 223 2.89 -19.28 5.05
CA LEU C 223 2.22 -20.17 5.99
C LEU C 223 2.79 -21.59 5.89
N GLU C 224 2.86 -22.08 4.66
CA GLU C 224 3.37 -23.40 4.38
C GLU C 224 4.83 -23.55 4.84
N TYR C 225 5.66 -22.59 4.50
CA TYR C 225 7.06 -22.65 4.88
C TYR C 225 7.24 -22.68 6.41
N ARG C 226 6.53 -21.80 7.12
CA ARG C 226 6.62 -21.67 8.57
C ARG C 226 6.13 -22.93 9.28
N MET C 227 5.02 -23.47 8.79
CA MET C 227 4.49 -24.71 9.32
C MET C 227 5.56 -25.80 9.24
N ALA C 228 6.23 -25.82 8.10
CA ALA C 228 7.29 -26.78 7.83
C ALA C 228 8.45 -26.58 8.79
N GLN C 229 8.82 -25.33 9.04
CA GLN C 229 9.89 -25.05 10.00
C GLN C 229 9.59 -25.61 11.37
N HIS C 230 8.31 -25.75 11.69
CA HIS C 230 7.92 -26.27 12.99
C HIS C 230 7.55 -27.74 12.94
N GLY C 231 8.00 -28.41 11.89
CA GLY C 231 7.87 -29.85 11.79
C GLY C 231 6.52 -30.35 11.33
N HIS C 232 5.63 -29.45 10.93
CA HIS C 232 4.33 -29.90 10.44
C HIS C 232 4.49 -30.41 9.02
N GLU C 233 3.68 -31.40 8.67
CA GLU C 233 3.67 -31.94 7.31
C GLU C 233 2.87 -31.01 6.39
N VAL C 234 3.49 -30.57 5.30
CA VAL C 234 2.83 -29.61 4.42
C VAL C 234 2.88 -30.05 2.98
N VAL C 235 1.83 -29.70 2.24
CA VAL C 235 1.83 -29.88 0.79
C VAL C 235 1.00 -28.77 0.13
N GLY C 236 1.33 -28.45 -1.13
CA GLY C 236 0.59 -27.45 -1.87
C GLY C 236 0.38 -27.86 -3.32
N PHE C 237 -0.70 -27.37 -3.90
CA PHE C 237 -1.01 -27.68 -5.30
C PHE C 237 -1.24 -26.42 -6.10
N THR C 238 -0.57 -26.32 -7.25
CA THR C 238 -0.70 -25.17 -8.13
C THR C 238 -1.24 -25.60 -9.50
N VAL C 239 -2.51 -25.31 -9.75
CA VAL C 239 -3.16 -25.68 -11.00
C VAL C 239 -2.84 -24.66 -12.09
N HIS C 240 -2.69 -25.14 -13.32
CA HIS C 240 -2.32 -24.28 -14.44
C HIS C 240 -3.51 -23.94 -15.32
N VAL C 241 -3.71 -22.66 -15.56
CA VAL C 241 -4.89 -22.18 -16.29
C VAL C 241 -4.50 -21.53 -17.61
N PRO C 242 -5.15 -21.95 -18.71
CA PRO C 242 -4.89 -21.27 -19.99
C PRO C 242 -4.88 -19.76 -19.78
N HIS C 243 -3.86 -19.09 -20.30
CA HIS C 243 -3.73 -17.64 -20.07
C HIS C 243 -4.95 -16.86 -20.58
N TYR C 244 -5.63 -17.38 -21.60
CA TYR C 244 -6.80 -16.69 -22.11
C TYR C 244 -8.04 -16.88 -21.27
N LEU C 245 -7.94 -17.62 -20.16
CA LEU C 245 -9.09 -17.83 -19.28
C LEU C 245 -8.85 -17.23 -17.91
N THR C 246 -7.68 -16.61 -17.75
CA THR C 246 -7.23 -16.04 -16.48
C THR C 246 -8.24 -15.17 -15.74
N GLN C 247 -8.90 -14.26 -16.45
CA GLN C 247 -9.79 -13.32 -15.79
C GLN C 247 -11.24 -13.74 -15.94
N THR C 248 -11.47 -15.04 -15.84
CA THR C 248 -12.76 -15.68 -16.06
C THR C 248 -12.98 -16.70 -14.96
N ASP C 249 -14.23 -16.94 -14.59
CA ASP C 249 -14.56 -18.14 -13.82
C ASP C 249 -14.29 -19.39 -14.66
N TYR C 250 -13.35 -20.21 -14.22
CA TYR C 250 -13.09 -21.48 -14.88
C TYR C 250 -13.20 -22.62 -13.87
N PRO C 251 -14.43 -23.11 -13.61
CA PRO C 251 -14.63 -24.08 -12.53
C PRO C 251 -13.80 -25.36 -12.68
N ALA C 252 -13.42 -25.74 -13.89
CA ALA C 252 -12.68 -26.99 -14.06
C ALA C 252 -11.39 -27.01 -13.25
N ALA C 253 -10.76 -25.84 -13.13
CA ALA C 253 -9.53 -25.71 -12.40
C ALA C 253 -9.78 -25.89 -10.90
N ALA C 254 -10.89 -25.36 -10.43
CA ALA C 254 -11.27 -25.50 -9.05
C ALA C 254 -11.57 -26.97 -8.76
N GLN C 255 -12.31 -27.61 -9.66
CA GLN C 255 -12.60 -29.03 -9.54
C GLN C 255 -11.33 -29.88 -9.51
N ALA C 256 -10.37 -29.54 -10.36
CA ALA C 256 -9.07 -30.23 -10.35
C ALA C 256 -8.38 -30.13 -8.97
N LEU C 257 -8.38 -28.93 -8.38
CA LEU C 257 -7.75 -28.70 -7.08
C LEU C 257 -8.40 -29.55 -6.01
N LEU C 258 -9.73 -29.54 -5.99
CA LEU C 258 -10.46 -30.24 -4.94
C LEU C 258 -10.33 -31.75 -5.11
N GLU C 259 -10.16 -32.20 -6.34
CA GLU C 259 -10.04 -33.62 -6.57
C GLU C 259 -8.77 -34.06 -5.91
N GLN C 260 -7.75 -33.21 -6.04
CA GLN C 260 -6.45 -33.47 -5.44
C GLN C 260 -6.51 -33.38 -3.92
N VAL C 261 -7.26 -32.43 -3.36
CA VAL C 261 -7.45 -32.37 -1.92
C VAL C 261 -8.06 -33.67 -1.40
N ALA C 262 -9.10 -34.14 -2.08
CA ALA C 262 -9.77 -35.39 -1.70
C ALA C 262 -8.78 -36.57 -1.62
N LYS C 263 -7.97 -36.71 -2.66
CA LYS C 263 -6.97 -37.74 -2.75
C LYS C 263 -5.89 -37.60 -1.68
N THR C 264 -5.21 -36.46 -1.64
CA THR C 264 -4.17 -36.24 -0.64
C THR C 264 -4.69 -36.27 0.80
N GLY C 265 -5.85 -35.67 1.04
CA GLY C 265 -6.37 -35.54 2.40
C GLY C 265 -7.25 -36.68 2.85
N SER C 266 -7.47 -37.66 1.96
CA SER C 266 -8.38 -38.78 2.23
C SER C 266 -9.74 -38.24 2.63
N LEU C 267 -10.27 -37.34 1.81
CA LEU C 267 -11.58 -36.78 2.07
C LEU C 267 -12.53 -37.19 0.96
N GLN C 268 -13.80 -37.34 1.31
CA GLN C 268 -14.82 -37.56 0.30
C GLN C 268 -15.59 -36.27 0.11
N LEU C 269 -15.31 -35.61 -1.01
CA LEU C 269 -15.90 -34.34 -1.35
C LEU C 269 -16.94 -34.49 -2.47
N PRO C 270 -18.15 -33.91 -2.29
CA PRO C 270 -19.20 -34.01 -3.29
C PRO C 270 -19.05 -32.92 -4.36
N LEU C 271 -18.56 -33.29 -5.54
CA LEU C 271 -18.22 -32.30 -6.56
C LEU C 271 -19.19 -32.24 -7.75
N ALA C 272 -20.23 -33.09 -7.76
CA ALA C 272 -21.19 -33.11 -8.88
C ALA C 272 -21.56 -31.74 -9.42
N VAL C 273 -22.03 -30.85 -8.54
CA VAL C 273 -22.50 -29.53 -8.97
C VAL C 273 -21.36 -28.66 -9.49
N LEU C 274 -20.19 -28.76 -8.87
CA LEU C 274 -19.02 -28.04 -9.37
C LEU C 274 -18.66 -28.55 -10.75
N ALA C 275 -18.76 -29.86 -10.93
CA ALA C 275 -18.40 -30.44 -12.22
C ALA C 275 -19.39 -30.05 -13.31
N GLU C 276 -20.67 -29.99 -12.97
CA GLU C 276 -21.68 -29.52 -13.91
C GLU C 276 -21.33 -28.12 -14.42
N ALA C 277 -20.85 -27.26 -13.52
CA ALA C 277 -20.52 -25.91 -13.89
C ALA C 277 -19.28 -25.88 -14.78
N ALA C 278 -18.30 -26.71 -14.46
CA ALA C 278 -17.11 -26.77 -15.28
C ALA C 278 -17.43 -27.20 -16.73
N ALA C 279 -18.32 -28.18 -16.86
CA ALA C 279 -18.75 -28.65 -18.16
C ALA C 279 -19.49 -27.55 -18.94
N GLU C 280 -20.43 -26.88 -18.28
CA GLU C 280 -21.14 -25.73 -18.85
C GLU C 280 -20.15 -24.72 -19.42
N VAL C 281 -19.18 -24.34 -18.60
CA VAL C 281 -18.20 -23.35 -19.00
C VAL C 281 -17.31 -23.86 -20.13
N GLN C 282 -16.85 -25.09 -19.98
CA GLN C 282 -16.06 -25.75 -21.03
C GLN C 282 -16.78 -25.73 -22.38
N ALA C 283 -18.05 -26.11 -22.37
CA ALA C 283 -18.84 -26.19 -23.60
C ALA C 283 -18.97 -24.84 -24.31
N LYS C 284 -19.12 -23.78 -23.52
CA LYS C 284 -19.24 -22.43 -24.07
C LYS C 284 -17.94 -21.92 -24.65
N ILE C 285 -16.81 -22.43 -24.15
CA ILE C 285 -15.51 -22.04 -24.66
C ILE C 285 -15.24 -22.75 -25.98
N ASP C 286 -15.59 -24.03 -26.04
CA ASP C 286 -15.41 -24.79 -27.28
C ASP C 286 -16.22 -24.10 -28.36
N GLU C 287 -17.37 -23.56 -27.95
CA GLU C 287 -18.26 -22.89 -28.87
C GLU C 287 -17.65 -21.63 -29.43
N GLN C 288 -17.08 -20.80 -28.55
CA GLN C 288 -16.37 -19.61 -29.01
C GLN C 288 -15.29 -19.97 -30.02
N VAL C 289 -14.67 -21.14 -29.84
CA VAL C 289 -13.58 -21.56 -30.72
C VAL C 289 -14.04 -21.89 -32.14
N GLN C 290 -15.10 -22.68 -32.26
CA GLN C 290 -15.62 -23.02 -33.59
C GLN C 290 -16.34 -21.86 -34.29
N ALA C 291 -16.59 -20.78 -33.57
CA ALA C 291 -17.34 -19.63 -34.08
C ALA C 291 -16.44 -18.60 -34.74
N SER C 292 -15.17 -18.59 -34.34
CA SER C 292 -14.20 -17.64 -34.87
C SER C 292 -12.99 -18.37 -35.43
N ALA C 293 -12.82 -18.32 -36.74
CA ALA C 293 -11.68 -18.95 -37.40
C ALA C 293 -10.35 -18.49 -36.81
N GLU C 294 -10.27 -17.20 -36.47
CA GLU C 294 -9.07 -16.65 -35.86
C GLU C 294 -8.80 -17.30 -34.52
N VAL C 295 -9.84 -17.38 -33.68
CA VAL C 295 -9.69 -17.97 -32.35
C VAL C 295 -9.30 -19.45 -32.44
N ALA C 296 -9.97 -20.20 -33.31
CA ALA C 296 -9.67 -21.61 -33.49
C ALA C 296 -8.19 -21.88 -33.77
N GLN C 297 -7.60 -21.07 -34.66
CA GLN C 297 -6.19 -21.23 -35.01
C GLN C 297 -5.26 -21.01 -33.81
N VAL C 298 -5.50 -19.93 -33.07
CA VAL C 298 -4.79 -19.67 -31.83
C VAL C 298 -4.75 -20.89 -30.90
N VAL C 299 -5.93 -21.47 -30.63
CA VAL C 299 -6.04 -22.65 -29.78
C VAL C 299 -5.34 -23.88 -30.38
N ALA C 300 -5.52 -24.09 -31.68
CA ALA C 300 -4.83 -25.16 -32.37
C ALA C 300 -3.31 -25.06 -32.15
N ALA C 301 -2.79 -23.83 -32.25
CA ALA C 301 -1.37 -23.58 -32.04
C ALA C 301 -0.91 -23.96 -30.63
N LEU C 302 -1.75 -23.71 -29.61
CA LEU C 302 -1.45 -24.14 -28.25
C LEU C 302 -1.50 -25.65 -28.10
N GLU C 303 -2.45 -26.30 -28.77
CA GLU C 303 -2.51 -27.76 -28.73
C GLU C 303 -1.22 -28.36 -29.26
N ARG C 304 -0.65 -27.72 -30.28
CA ARG C 304 0.60 -28.21 -30.86
C ARG C 304 1.73 -28.10 -29.87
N GLN C 305 1.81 -26.98 -29.16
CA GLN C 305 2.86 -26.78 -28.18
C GLN C 305 2.71 -27.72 -27.00
N TYR C 306 1.52 -27.76 -26.41
CA TYR C 306 1.27 -28.68 -25.30
C TYR C 306 1.68 -30.10 -25.69
N ASP C 307 1.21 -30.56 -26.85
CA ASP C 307 1.51 -31.91 -27.30
C ASP C 307 3.01 -32.10 -27.50
N ALA C 308 3.68 -31.07 -27.98
CA ALA C 308 5.12 -31.11 -28.20
C ALA C 308 5.88 -31.24 -26.87
N PHE C 309 5.50 -30.42 -25.90
CA PHE C 309 6.13 -30.38 -24.58
C PHE C 309 6.03 -31.70 -23.82
N ILE C 310 4.91 -32.40 -23.95
CA ILE C 310 4.66 -33.62 -23.19
C ILE C 310 5.60 -34.77 -23.55
N ASP C 311 6.09 -34.77 -24.79
CA ASP C 311 7.05 -35.78 -25.23
C ASP C 311 8.37 -35.69 -24.46
N ALA C 312 8.79 -34.44 -24.19
CA ALA C 312 10.01 -34.19 -23.44
C ALA C 312 10.14 -35.12 -22.23
C1 GOL D . -25.27 -29.95 -4.48
O1 GOL D . -25.91 -29.59 -3.25
C2 GOL D . -24.09 -30.93 -4.41
O2 GOL D . -24.06 -31.66 -3.21
C3 GOL D . -22.69 -30.31 -4.64
O3 GOL D . -21.91 -30.93 -5.66
C1 GOL E . -20.76 -22.85 -5.27
O1 GOL E . -22.10 -22.64 -5.67
C2 GOL E . -19.94 -23.48 -6.41
O2 GOL E . -20.20 -24.87 -6.45
C3 GOL E . -18.44 -23.26 -6.18
O3 GOL E . -17.84 -22.40 -7.13
#